data_5DO2
#
_entry.id   5DO2
#
_cell.length_a   74.083
_cell.length_b   110.401
_cell.length_c   172.981
_cell.angle_alpha   90.00
_cell.angle_beta   90.00
_cell.angle_gamma   90.00
#
_symmetry.space_group_name_H-M   'P 21 21 21'
#
loop_
_entity.id
_entity.type
_entity.pdbx_description
1 polymer 'S protein'
2 polymer '4C2 heavy chain'
3 polymer '4C2 light chain'
4 non-polymer 2-acetamido-2-deoxy-beta-D-glucopyranose
5 water water
#
loop_
_entity_poly.entity_id
_entity_poly.type
_entity_poly.pdbx_seq_one_letter_code
_entity_poly.pdbx_strand_id
1 'polypeptide(L)'
;ADGIQEAKPSGSVVEQAEGVECDFSPLLSGTPPQVYNFKRLVFTNCNYNLTKLLSLFSVNDFTCSQISPAAIASNCYSSL
ILDYFSYPLSMKSDLSVSSAGPISQFNYKQSFSNPTCLILATVPHNLTTITKPLKYSYINKCSRLLSDDRTEVPQLVNAN
QYSPCVSIVPSTVWEDGDYYRKQLSPLEGGGWLVASGSTVAMTEQLQMGFGITVQYGTDTNSVCPKLEFANDTKIASQLG
NCVEYHHHHHH
;
A,B
2 'polypeptide(L)'
;DVKLVESGGGLVKPGGSLKLSCAASGFTFSSYTMSWVRQTPEKRLEWVATISSGGSYTYYPDSVKGRFTISRDNAKNTLY
LQMSSLKSEDTAMYYCTRDGNDYDYWGQGTTLTVSSAKTTPPSVYPLAPGSAAQTNSMVTLGCLVKGYFPEPVTVTWNSG
SLSSGVHTFPAVLQSDLYTLSSSVTVPSSTWPSETVTCNVAHPASSTKVDKKIVPRDCG
;
H,C
3 'polypeptide(L)'
;DIQMTQTTSSLSASLGDRVTISCRASQDISNYLNWYQQKPDGTVKLLIYYTSRLHSGVPSRFSGSGSGTDYSLTISNLEQ
EDIATYFCQQGNTLPRTFGGGTKLEIKRADAAPTVSIFPPSSEQLTSGGASVVCFLNNFYPKDINVKWKIDGSERQNGVL
NSWTDQDSKDSTYSMSSTLTLTKDEYERHNSYTCEATHKTSTSPIVKSFNRNEC
;
L,D
#
# COMPACT_ATOMS: atom_id res chain seq x y z
N VAL A 20 -11.13 -26.34 -0.98
CA VAL A 20 -11.95 -27.09 -0.03
C VAL A 20 -11.34 -26.98 1.36
N GLU A 21 -12.16 -27.19 2.38
CA GLU A 21 -11.75 -27.17 3.79
C GLU A 21 -11.40 -25.77 4.26
N CYS A 22 -12.32 -25.13 4.98
CA CYS A 22 -12.06 -23.82 5.57
C CYS A 22 -11.04 -23.96 6.68
N ASP A 23 -9.87 -23.38 6.45
CA ASP A 23 -8.75 -23.55 7.38
C ASP A 23 -8.87 -22.64 8.60
N PHE A 24 -8.86 -23.21 9.79
CA PHE A 24 -8.94 -22.42 11.01
C PHE A 24 -7.62 -22.47 11.75
N SER A 25 -6.67 -23.22 11.21
CA SER A 25 -5.33 -23.37 11.76
C SER A 25 -4.63 -22.07 12.21
N PRO A 26 -4.72 -20.99 11.41
CA PRO A 26 -4.07 -19.74 11.86
C PRO A 26 -4.50 -19.29 13.26
N LEU A 27 -5.67 -19.72 13.70
CA LEU A 27 -6.18 -19.39 15.02
C LEU A 27 -5.41 -20.17 16.09
N LEU A 28 -4.96 -21.37 15.74
CA LEU A 28 -4.38 -22.28 16.73
C LEU A 28 -2.91 -22.01 17.03
N SER A 29 -2.21 -21.31 16.14
CA SER A 29 -0.78 -21.10 16.34
C SER A 29 -0.44 -19.64 16.59
N GLY A 30 0.55 -19.43 17.46
CA GLY A 30 1.04 -18.09 17.75
C GLY A 30 0.30 -17.35 18.84
N THR A 31 0.71 -16.11 19.09
CA THR A 31 0.09 -15.26 20.09
C THR A 31 -1.01 -14.43 19.44
N PRO A 32 -2.25 -14.62 19.91
CA PRO A 32 -3.41 -13.89 19.37
C PRO A 32 -3.32 -12.41 19.66
N PRO A 33 -3.83 -11.57 18.74
CA PRO A 33 -3.74 -10.12 18.88
C PRO A 33 -4.68 -9.59 19.96
N GLN A 34 -4.61 -8.30 20.28
CA GLN A 34 -5.56 -7.71 21.20
C GLN A 34 -6.84 -7.35 20.46
N VAL A 35 -7.83 -6.89 21.21
CA VAL A 35 -9.17 -6.64 20.66
C VAL A 35 -9.18 -5.59 19.53
N TYR A 36 -8.43 -4.50 19.68
CA TYR A 36 -8.49 -3.41 18.70
C TYR A 36 -7.80 -3.75 17.37
N ASN A 37 -6.91 -4.74 17.39
CA ASN A 37 -6.27 -5.18 16.16
C ASN A 37 -6.55 -6.67 15.90
N PHE A 38 -7.82 -7.02 16.06
CA PHE A 38 -8.31 -8.38 15.87
C PHE A 38 -7.89 -8.98 14.54
N LYS A 39 -7.56 -10.27 14.54
CA LYS A 39 -7.22 -10.95 13.30
C LYS A 39 -8.50 -11.33 12.59
N ARG A 40 -8.54 -11.10 11.29
CA ARG A 40 -9.72 -11.41 10.51
C ARG A 40 -9.43 -12.45 9.46
N LEU A 41 -10.06 -13.61 9.61
CA LEU A 41 -10.03 -14.65 8.59
C LEU A 41 -11.32 -14.56 7.79
N VAL A 42 -11.18 -14.64 6.48
CA VAL A 42 -12.33 -14.58 5.59
C VAL A 42 -12.39 -15.85 4.76
N PHE A 43 -13.53 -16.53 4.76
CA PHE A 43 -13.67 -17.79 4.06
C PHE A 43 -14.72 -17.74 2.95
N THR A 44 -14.28 -18.14 1.76
CA THR A 44 -15.18 -18.43 0.64
C THR A 44 -14.73 -19.71 -0.04
N ASN A 45 -15.65 -20.36 -0.73
CA ASN A 45 -15.33 -21.53 -1.56
C ASN A 45 -14.64 -22.63 -0.77
N CYS A 46 -15.22 -23.02 0.36
CA CYS A 46 -14.62 -24.03 1.22
C CYS A 46 -15.64 -24.67 2.15
N ASN A 47 -15.26 -25.83 2.72
CA ASN A 47 -16.13 -26.51 3.66
C ASN A 47 -15.61 -26.39 5.09
N TYR A 48 -16.51 -26.13 6.03
CA TYR A 48 -16.09 -25.84 7.40
C TYR A 48 -16.67 -26.81 8.44
N ASN A 49 -16.06 -26.80 9.63
CA ASN A 49 -16.60 -27.50 10.79
C ASN A 49 -16.42 -26.64 12.03
N LEU A 50 -17.43 -25.84 12.35
CA LEU A 50 -17.39 -24.95 13.51
C LEU A 50 -17.26 -25.73 14.82
N THR A 51 -18.01 -26.82 14.93
CA THR A 51 -18.05 -27.60 16.16
C THR A 51 -16.73 -28.33 16.40
N LYS A 52 -15.91 -28.44 15.36
CA LYS A 52 -14.58 -29.03 15.49
C LYS A 52 -13.65 -28.07 16.22
N LEU A 53 -13.62 -26.82 15.76
CA LEU A 53 -12.74 -25.80 16.32
C LEU A 53 -13.09 -25.49 17.77
N LEU A 54 -14.37 -25.23 18.03
CA LEU A 54 -14.80 -24.82 19.36
C LEU A 54 -14.57 -25.91 20.41
N SER A 55 -14.48 -27.15 19.95
CA SER A 55 -14.27 -28.27 20.87
C SER A 55 -12.83 -28.27 21.38
N LEU A 56 -11.92 -27.74 20.58
CA LEU A 56 -10.53 -27.62 20.99
C LEU A 56 -10.36 -26.54 22.05
N PHE A 57 -11.43 -25.78 22.28
CA PHE A 57 -11.42 -24.70 23.26
C PHE A 57 -12.40 -24.97 24.40
N SER A 58 -12.26 -24.23 25.49
CA SER A 58 -13.21 -24.30 26.60
C SER A 58 -14.15 -23.10 26.53
N VAL A 59 -15.29 -23.29 25.87
CA VAL A 59 -16.21 -22.19 25.58
C VAL A 59 -17.01 -21.75 26.80
N ASN A 60 -16.97 -20.46 27.10
CA ASN A 60 -17.65 -19.92 28.26
C ASN A 60 -18.96 -19.24 27.89
N ASP A 61 -19.00 -18.67 26.70
CA ASP A 61 -20.21 -17.99 26.24
C ASP A 61 -20.33 -18.05 24.71
N PHE A 62 -21.56 -18.13 24.23
CA PHE A 62 -21.84 -18.29 22.81
C PHE A 62 -23.16 -17.59 22.48
N THR A 63 -23.08 -16.31 22.18
CA THR A 63 -24.27 -15.49 21.92
C THR A 63 -24.31 -14.98 20.48
N CYS A 64 -25.44 -15.15 19.82
CA CYS A 64 -25.61 -14.68 18.44
C CYS A 64 -26.73 -13.67 18.29
N SER A 65 -26.71 -12.93 17.19
CA SER A 65 -27.79 -11.99 16.91
C SER A 65 -28.34 -12.26 15.51
N GLN A 66 -29.67 -12.26 15.39
CA GLN A 66 -30.37 -12.56 14.15
C GLN A 66 -30.06 -13.94 13.61
N ILE A 67 -29.54 -14.82 14.47
CA ILE A 67 -29.25 -16.20 14.11
C ILE A 67 -29.00 -16.99 15.39
N SER A 68 -29.06 -18.32 15.31
CA SER A 68 -28.85 -19.16 16.48
C SER A 68 -27.51 -19.88 16.41
N PRO A 69 -26.92 -20.16 17.58
CA PRO A 69 -25.67 -20.92 17.70
C PRO A 69 -25.69 -22.26 16.97
N ALA A 70 -26.84 -22.93 16.94
CA ALA A 70 -26.96 -24.20 16.26
C ALA A 70 -26.99 -24.01 14.74
N ALA A 71 -27.64 -22.94 14.31
CA ALA A 71 -27.81 -22.65 12.90
C ALA A 71 -26.50 -22.23 12.23
N ILE A 72 -25.76 -21.33 12.87
CA ILE A 72 -24.53 -20.82 12.27
C ILE A 72 -23.49 -21.91 12.04
N ALA A 73 -23.62 -23.02 12.76
CA ALA A 73 -22.71 -24.15 12.59
C ALA A 73 -23.18 -25.09 11.48
N SER A 74 -24.33 -24.80 10.88
CA SER A 74 -24.90 -25.73 9.93
C SER A 74 -25.54 -25.10 8.69
N ASN A 75 -25.27 -23.81 8.45
CA ASN A 75 -25.87 -23.14 7.30
C ASN A 75 -24.85 -22.93 6.17
N CYS A 76 -25.37 -22.58 5.00
CA CYS A 76 -24.52 -22.26 3.86
C CYS A 76 -24.45 -20.75 3.67
N TYR A 77 -23.30 -20.26 3.25
CA TYR A 77 -23.12 -18.82 3.13
C TYR A 77 -22.36 -18.50 1.85
N SER A 78 -22.33 -17.22 1.50
CA SER A 78 -21.48 -16.76 0.41
C SER A 78 -20.12 -16.42 0.99
N SER A 79 -20.11 -16.06 2.27
CA SER A 79 -18.91 -15.65 2.96
C SER A 79 -19.05 -15.84 4.46
N LEU A 80 -17.96 -16.21 5.12
CA LEU A 80 -17.96 -16.27 6.58
C LEU A 80 -16.72 -15.57 7.13
N ILE A 81 -16.94 -14.66 8.08
CA ILE A 81 -15.86 -13.90 8.67
C ILE A 81 -15.60 -14.37 10.08
N LEU A 82 -14.35 -14.73 10.37
CA LEU A 82 -13.97 -15.16 11.71
C LEU A 82 -12.90 -14.24 12.27
N ASP A 83 -13.28 -13.45 13.27
CA ASP A 83 -12.34 -12.59 13.96
C ASP A 83 -11.96 -13.25 15.28
N TYR A 84 -10.70 -13.15 15.66
CA TYR A 84 -10.29 -13.67 16.94
C TYR A 84 -9.24 -12.75 17.57
N PHE A 85 -9.23 -12.71 18.89
CA PHE A 85 -8.34 -11.83 19.63
C PHE A 85 -8.24 -12.28 21.07
N SER A 86 -7.31 -11.69 21.81
CA SER A 86 -7.25 -11.93 23.25
C SER A 86 -8.27 -11.05 23.94
N TYR A 87 -9.00 -11.63 24.90
CA TYR A 87 -10.03 -10.88 25.62
C TYR A 87 -10.40 -11.56 26.94
N PRO A 88 -10.23 -10.84 28.06
CA PRO A 88 -10.55 -11.43 29.36
C PRO A 88 -12.06 -11.63 29.53
N LEU A 89 -12.43 -12.80 30.02
CA LEU A 89 -13.83 -13.15 30.26
C LEU A 89 -14.49 -12.14 31.20
N SER A 90 -13.70 -11.56 32.10
CA SER A 90 -14.16 -10.53 33.03
C SER A 90 -14.80 -9.29 32.39
N MET A 91 -14.50 -9.02 31.12
CA MET A 91 -15.08 -7.85 30.46
C MET A 91 -16.15 -8.26 29.45
N LYS A 92 -16.70 -9.45 29.67
CA LYS A 92 -17.80 -9.98 28.87
C LYS A 92 -18.89 -8.94 28.64
N SER A 93 -19.21 -8.20 29.69
CA SER A 93 -20.17 -7.11 29.65
C SER A 93 -19.91 -6.12 28.50
N ASP A 94 -18.64 -5.82 28.25
CA ASP A 94 -18.30 -4.80 27.26
C ASP A 94 -18.36 -5.27 25.80
N LEU A 95 -18.91 -6.45 25.56
CA LEU A 95 -19.11 -6.92 24.19
C LEU A 95 -20.50 -6.62 23.68
N SER A 96 -21.37 -6.15 24.56
CA SER A 96 -22.72 -5.85 24.15
C SER A 96 -22.74 -4.47 23.52
N VAL A 97 -23.46 -4.35 22.41
CA VAL A 97 -23.67 -3.06 21.77
C VAL A 97 -24.57 -2.25 22.68
N SER A 98 -25.24 -2.96 23.58
CA SER A 98 -26.09 -2.38 24.62
C SER A 98 -25.36 -1.34 25.47
N SER A 99 -24.13 -1.65 25.84
CA SER A 99 -23.35 -0.76 26.70
C SER A 99 -22.62 0.31 25.90
N ALA A 100 -22.41 1.47 26.53
CA ALA A 100 -21.49 2.47 26.00
C ALA A 100 -20.17 1.75 25.75
N GLY A 101 -19.42 1.53 26.82
CA GLY A 101 -18.23 0.69 26.79
C GLY A 101 -17.10 1.13 25.87
N PRO A 102 -15.87 1.17 26.40
CA PRO A 102 -14.72 1.52 25.58
C PRO A 102 -14.51 0.50 24.46
N ILE A 103 -14.91 -0.74 24.70
CA ILE A 103 -14.67 -1.82 23.74
C ILE A 103 -15.53 -1.70 22.48
N SER A 104 -16.82 -1.52 22.65
CA SER A 104 -17.71 -1.44 21.49
C SER A 104 -17.58 -0.09 20.79
N GLN A 105 -17.25 0.93 21.55
CA GLN A 105 -17.17 2.27 21.00
C GLN A 105 -15.85 2.53 20.26
N PHE A 106 -14.74 2.13 20.86
CA PHE A 106 -13.44 2.43 20.24
C PHE A 106 -12.69 1.23 19.67
N ASN A 107 -13.07 0.01 20.08
CA ASN A 107 -12.24 -1.16 19.73
C ASN A 107 -12.83 -2.14 18.72
N TYR A 108 -14.12 -2.42 18.82
CA TYR A 108 -14.71 -3.52 18.08
C TYR A 108 -16.22 -3.43 18.03
N LYS A 109 -16.75 -3.34 16.82
CA LYS A 109 -18.19 -3.31 16.59
C LYS A 109 -18.51 -4.09 15.33
N GLN A 110 -19.31 -5.15 15.50
CA GLN A 110 -19.68 -5.99 14.37
C GLN A 110 -20.76 -5.34 13.51
N SER A 111 -21.06 -5.99 12.39
CA SER A 111 -22.16 -5.57 11.51
C SER A 111 -23.49 -5.78 12.22
N PHE A 112 -24.33 -4.75 12.22
CA PHE A 112 -25.65 -4.90 12.84
C PHE A 112 -26.71 -5.34 11.83
N SER A 113 -26.31 -5.51 10.57
CA SER A 113 -27.26 -5.86 9.52
C SER A 113 -27.20 -7.34 9.13
N ASN A 114 -26.02 -7.95 9.27
CA ASN A 114 -25.91 -9.37 8.99
C ASN A 114 -25.91 -10.15 10.30
N PRO A 115 -26.23 -11.46 10.24
CA PRO A 115 -26.17 -12.29 11.43
C PRO A 115 -24.75 -12.35 12.01
N THR A 116 -24.64 -12.18 13.32
CA THR A 116 -23.35 -12.17 14.00
C THR A 116 -23.37 -13.00 15.27
N CYS A 117 -22.25 -13.65 15.55
CA CYS A 117 -22.11 -14.40 16.80
C CYS A 117 -20.89 -13.90 17.56
N LEU A 118 -20.94 -14.03 18.88
CA LEU A 118 -19.85 -13.57 19.72
C LEU A 118 -19.52 -14.67 20.72
N ILE A 119 -18.29 -15.17 20.66
CA ILE A 119 -17.91 -16.36 21.43
C ILE A 119 -16.73 -16.10 22.37
N LEU A 120 -16.96 -16.29 23.67
CA LEU A 120 -15.92 -16.17 24.69
C LEU A 120 -15.43 -17.53 25.20
N ALA A 121 -14.22 -17.92 24.81
CA ALA A 121 -13.66 -19.20 25.20
C ALA A 121 -12.33 -19.07 25.93
N THR A 122 -11.92 -20.14 26.60
CA THR A 122 -10.64 -20.21 27.29
C THR A 122 -9.83 -21.35 26.66
N VAL A 123 -8.58 -21.08 26.30
CA VAL A 123 -7.72 -22.15 25.80
C VAL A 123 -7.26 -23.06 26.93
N PRO A 124 -7.56 -24.36 26.81
CA PRO A 124 -7.29 -25.35 27.87
C PRO A 124 -5.81 -25.67 27.98
N HIS A 125 -5.41 -26.41 29.02
CA HIS A 125 -4.01 -26.80 29.18
C HIS A 125 -3.53 -27.63 27.99
N ASN A 126 -4.44 -28.41 27.45
CA ASN A 126 -4.08 -29.26 26.34
C ASN A 126 -4.00 -28.60 24.97
N LEU A 127 -4.51 -27.38 24.82
CA LEU A 127 -4.18 -26.62 23.62
C LEU A 127 -2.87 -25.89 23.95
N THR A 128 -1.78 -26.36 23.34
CA THR A 128 -0.44 -25.94 23.73
C THR A 128 0.23 -25.07 22.68
N THR A 129 -0.36 -25.03 21.50
CA THR A 129 0.27 -24.37 20.37
C THR A 129 -0.06 -22.88 20.32
N ILE A 130 -1.01 -22.43 21.13
CA ILE A 130 -1.26 -21.00 21.28
C ILE A 130 -0.36 -20.44 22.37
N THR A 131 0.23 -19.27 22.12
CA THR A 131 1.04 -18.58 23.13
C THR A 131 0.28 -17.42 23.74
N LYS A 132 0.64 -17.04 24.96
CA LYS A 132 -0.04 -15.96 25.66
C LYS A 132 0.69 -14.63 25.49
N PRO A 133 -0.08 -13.54 25.42
CA PRO A 133 0.52 -12.20 25.45
C PRO A 133 0.90 -11.86 26.88
N LEU A 134 1.75 -10.85 27.04
CA LEU A 134 2.16 -10.39 28.36
C LEU A 134 0.96 -9.93 29.18
N LYS A 135 -0.05 -9.39 28.50
CA LYS A 135 -1.22 -8.85 29.18
C LYS A 135 -2.35 -8.63 28.18
N TYR A 136 -3.46 -8.09 28.68
CA TYR A 136 -4.58 -7.72 27.83
C TYR A 136 -4.55 -6.21 27.62
N SER A 137 -4.71 -5.77 26.37
CA SER A 137 -4.71 -4.35 26.07
C SER A 137 -5.97 -3.95 25.30
N TYR A 138 -6.53 -2.80 25.65
CA TYR A 138 -7.62 -2.25 24.87
C TYR A 138 -7.57 -0.72 24.86
N ILE A 139 -8.28 -0.12 23.91
CA ILE A 139 -8.32 1.33 23.79
C ILE A 139 -9.46 1.90 24.63
N ASN A 140 -9.11 2.73 25.61
CA ASN A 140 -10.13 3.36 26.43
C ASN A 140 -10.60 4.70 25.85
N LYS A 141 -9.88 5.19 24.85
CA LYS A 141 -10.13 6.52 24.30
C LYS A 141 -9.47 6.72 22.95
N CYS A 142 -10.26 7.06 21.95
CA CYS A 142 -9.73 7.44 20.64
C CYS A 142 -10.40 8.73 20.13
N SER A 143 -9.60 9.79 19.96
CA SER A 143 -10.17 11.08 19.58
C SER A 143 -9.30 11.90 18.62
N ARG A 144 -9.90 12.94 18.03
CA ARG A 144 -9.17 13.85 17.16
C ARG A 144 -9.13 15.27 17.74
N LEU A 145 -7.95 15.71 18.17
CA LEU A 145 -7.75 17.08 18.58
C LEU A 145 -7.66 17.99 17.35
N LEU A 146 -8.67 18.85 17.19
CA LEU A 146 -8.77 19.68 15.98
C LEU A 146 -7.74 20.82 15.96
N SER A 147 -7.63 21.46 14.80
CA SER A 147 -6.66 22.53 14.55
C SER A 147 -6.64 23.57 15.67
N ASP A 148 -7.80 24.14 15.95
CA ASP A 148 -7.96 25.00 17.10
C ASP A 148 -7.92 24.04 18.29
N ASP A 149 -6.77 23.94 18.96
CA ASP A 149 -6.52 22.85 19.92
C ASP A 149 -7.48 22.78 21.10
N ARG A 150 -8.74 23.07 20.84
CA ARG A 150 -9.81 23.03 21.82
C ARG A 150 -10.64 21.75 21.66
N THR A 151 -11.34 21.67 20.53
CA THR A 151 -12.32 20.64 20.26
C THR A 151 -11.75 19.22 20.17
N GLU A 152 -11.94 18.44 21.22
CA GLU A 152 -11.65 17.01 21.19
C GLU A 152 -12.84 16.26 20.61
N VAL A 153 -12.62 15.52 19.53
CA VAL A 153 -13.72 14.81 18.88
C VAL A 153 -13.48 13.30 18.94
N PRO A 154 -14.28 12.58 19.77
CA PRO A 154 -14.11 11.14 19.92
C PRO A 154 -14.29 10.41 18.60
N GLN A 155 -13.57 9.31 18.42
CA GLN A 155 -13.58 8.61 17.14
C GLN A 155 -14.11 7.20 17.30
N LEU A 156 -15.44 7.09 17.31
CA LEU A 156 -16.10 5.81 17.45
C LEU A 156 -15.77 4.89 16.28
N VAL A 157 -15.35 3.67 16.58
CA VAL A 157 -15.06 2.67 15.53
C VAL A 157 -16.30 2.32 14.72
N ASN A 158 -16.15 2.26 13.41
CA ASN A 158 -17.23 1.88 12.52
C ASN A 158 -17.31 0.35 12.44
N ALA A 159 -18.47 -0.17 12.06
CA ALA A 159 -18.68 -1.61 11.95
C ALA A 159 -17.75 -2.22 10.90
N ASN A 160 -17.14 -3.36 11.23
CA ASN A 160 -16.26 -4.09 10.31
C ASN A 160 -14.99 -3.30 9.99
N GLN A 161 -14.79 -2.22 10.73
CA GLN A 161 -13.63 -1.34 10.57
C GLN A 161 -12.72 -1.44 11.79
N TYR A 162 -11.43 -1.14 11.62
CA TYR A 162 -10.56 -0.90 12.77
C TYR A 162 -10.67 0.55 13.19
N SER A 163 -10.42 0.82 14.46
CA SER A 163 -10.27 2.19 14.93
C SER A 163 -9.18 2.90 14.12
N PRO A 164 -9.32 4.22 13.92
CA PRO A 164 -8.20 4.92 13.30
C PRO A 164 -6.97 4.93 14.20
N CYS A 165 -7.18 4.71 15.50
CA CYS A 165 -6.07 4.72 16.45
C CYS A 165 -5.25 3.43 16.47
N VAL A 166 -5.55 2.49 15.58
CA VAL A 166 -4.71 1.28 15.49
C VAL A 166 -3.31 1.67 15.03
N SER A 167 -3.21 2.81 14.36
CA SER A 167 -1.95 3.27 13.79
C SER A 167 -1.04 3.90 14.83
N ILE A 168 -1.59 4.30 15.97
CA ILE A 168 -0.78 4.96 16.99
C ILE A 168 -0.76 4.22 18.33
N VAL A 169 -1.61 3.20 18.46
CA VAL A 169 -1.59 2.34 19.65
C VAL A 169 -0.76 1.11 19.35
N PRO A 170 0.24 0.81 20.20
CA PRO A 170 1.12 -0.35 19.99
C PRO A 170 0.35 -1.67 20.04
N SER A 171 0.86 -2.70 19.36
CA SER A 171 0.22 -4.02 19.34
C SER A 171 -0.09 -4.51 20.76
N THR A 172 0.77 -4.13 21.71
CA THR A 172 0.48 -4.28 23.13
C THR A 172 0.76 -2.96 23.84
N VAL A 173 -0.14 -2.51 24.70
CA VAL A 173 0.04 -1.26 25.41
C VAL A 173 1.17 -1.40 26.42
N TRP A 174 2.15 -0.49 26.37
CA TRP A 174 3.30 -0.56 27.25
C TRP A 174 2.90 -0.46 28.72
N GLU A 175 2.10 0.53 29.06
CA GLU A 175 1.65 0.69 30.44
C GLU A 175 0.25 1.31 30.48
N ASP A 176 -0.60 0.77 31.35
CA ASP A 176 -1.95 1.27 31.56
C ASP A 176 -2.00 2.80 31.70
N GLY A 177 -2.87 3.43 30.91
CA GLY A 177 -3.05 4.87 30.96
C GLY A 177 -2.12 5.65 30.05
N ASP A 178 -1.41 4.93 29.18
CA ASP A 178 -0.53 5.55 28.18
C ASP A 178 -1.31 6.41 27.19
N TYR A 179 -0.83 7.63 26.94
CA TYR A 179 -1.34 8.40 25.81
C TYR A 179 -0.43 8.28 24.59
N TYR A 180 -1.06 8.14 23.42
CA TYR A 180 -0.32 8.07 22.17
C TYR A 180 -0.88 9.09 21.20
N ARG A 181 -0.01 9.93 20.65
CA ARG A 181 -0.45 10.96 19.73
C ARG A 181 0.38 10.97 18.45
N LYS A 182 -0.29 11.30 17.34
CA LYS A 182 0.39 11.52 16.07
C LYS A 182 -0.27 12.69 15.35
N GLN A 183 0.54 13.58 14.82
CA GLN A 183 0.02 14.72 14.08
C GLN A 183 -0.50 14.29 12.70
N LEU A 184 -1.71 14.73 12.36
CA LEU A 184 -2.28 14.46 11.05
C LEU A 184 -2.04 15.59 10.06
N SER A 185 -1.98 15.24 8.77
CA SER A 185 -1.74 16.22 7.72
C SER A 185 -2.96 17.07 7.43
N PRO A 186 -2.76 18.23 6.80
CA PRO A 186 -3.86 19.08 6.32
C PRO A 186 -4.81 18.32 5.39
N LEU A 187 -4.28 17.39 4.61
CA LEU A 187 -5.11 16.54 3.76
C LEU A 187 -6.13 15.81 4.62
N GLU A 188 -5.64 15.19 5.69
CA GLU A 188 -6.49 14.52 6.67
C GLU A 188 -7.20 15.53 7.57
N GLY A 189 -6.95 16.81 7.34
CA GLY A 189 -7.59 17.88 8.08
C GLY A 189 -6.80 18.41 9.27
N GLY A 190 -5.50 18.12 9.30
CA GLY A 190 -4.63 18.67 10.32
C GLY A 190 -4.97 18.21 11.73
N GLY A 191 -4.26 18.77 12.71
CA GLY A 191 -4.55 18.43 14.10
C GLY A 191 -3.85 17.15 14.54
N TRP A 192 -4.44 16.48 15.53
CA TRP A 192 -3.81 15.31 16.12
C TRP A 192 -4.75 14.11 16.23
N LEU A 193 -4.17 12.92 16.16
CA LEU A 193 -4.86 11.70 16.53
C LEU A 193 -4.37 11.34 17.91
N VAL A 194 -5.29 11.11 18.84
CA VAL A 194 -4.93 10.94 20.25
C VAL A 194 -5.63 9.73 20.83
N ALA A 195 -4.85 8.85 21.45
CA ALA A 195 -5.40 7.63 22.01
C ALA A 195 -4.82 7.35 23.39
N SER A 196 -5.64 6.75 24.25
CA SER A 196 -5.18 6.27 25.54
C SER A 196 -5.46 4.78 25.67
N GLY A 197 -4.53 4.07 26.28
CA GLY A 197 -4.60 2.61 26.32
C GLY A 197 -4.72 2.10 27.73
N SER A 198 -5.38 0.94 27.87
CA SER A 198 -5.58 0.32 29.16
C SER A 198 -5.07 -1.11 29.15
N THR A 199 -4.57 -1.59 30.29
CA THR A 199 -4.09 -2.96 30.39
C THR A 199 -4.84 -3.76 31.45
N VAL A 200 -5.06 -5.03 31.15
CA VAL A 200 -5.64 -5.95 32.13
C VAL A 200 -4.66 -7.11 32.30
N ALA A 201 -4.46 -7.52 33.55
CA ALA A 201 -3.47 -8.55 33.88
C ALA A 201 -3.78 -9.86 33.19
N MET A 202 -2.75 -10.50 32.63
CA MET A 202 -2.92 -11.79 31.97
C MET A 202 -3.43 -12.84 32.95
N THR A 203 -4.35 -13.70 32.49
CA THR A 203 -4.90 -14.75 33.34
C THR A 203 -4.08 -16.03 33.19
N GLU A 204 -4.32 -17.00 34.08
CA GLU A 204 -3.55 -18.24 34.09
C GLU A 204 -3.63 -18.99 32.77
N GLN A 205 -4.83 -19.10 32.23
CA GLN A 205 -4.99 -19.59 30.87
C GLN A 205 -5.46 -18.41 30.05
N LEU A 206 -5.13 -18.40 28.76
CA LEU A 206 -5.48 -17.27 27.92
C LEU A 206 -6.98 -17.25 27.66
N GLN A 207 -7.57 -16.07 27.78
CA GLN A 207 -8.98 -15.92 27.48
C GLN A 207 -9.15 -15.17 26.16
N MET A 208 -9.89 -15.76 25.25
CA MET A 208 -10.02 -15.22 23.90
C MET A 208 -11.44 -14.78 23.59
N GLY A 209 -11.62 -14.22 22.40
CA GLY A 209 -12.93 -13.83 21.92
C GLY A 209 -13.02 -14.12 20.43
N PHE A 210 -14.18 -14.59 19.97
CA PHE A 210 -14.37 -14.88 18.57
C PHE A 210 -15.60 -14.14 18.03
N GLY A 211 -15.39 -13.40 16.96
CA GLY A 211 -16.50 -12.73 16.31
C GLY A 211 -16.76 -13.38 14.97
N ILE A 212 -17.98 -13.87 14.79
CA ILE A 212 -18.38 -14.47 13.52
C ILE A 212 -19.38 -13.57 12.81
N THR A 213 -19.21 -13.42 11.51
CA THR A 213 -20.16 -12.71 10.67
C THR A 213 -20.36 -13.52 9.40
N VAL A 214 -21.62 -13.65 8.98
CA VAL A 214 -21.95 -14.41 7.79
C VAL A 214 -22.70 -13.54 6.79
N GLN A 215 -22.52 -13.81 5.51
CA GLN A 215 -23.18 -13.02 4.47
C GLN A 215 -23.84 -13.89 3.41
N TYR A 216 -24.94 -13.38 2.88
CA TYR A 216 -25.72 -14.05 1.84
C TYR A 216 -25.66 -13.24 0.54
N GLY A 217 -25.45 -13.92 -0.58
CA GLY A 217 -25.28 -13.24 -1.86
C GLY A 217 -25.76 -13.98 -3.08
N THR A 218 -25.79 -13.29 -4.22
CA THR A 218 -26.15 -13.94 -5.48
C THR A 218 -25.74 -15.41 -5.47
N ASP A 219 -24.44 -15.62 -5.59
CA ASP A 219 -23.82 -16.90 -5.41
C ASP A 219 -22.86 -16.58 -4.30
N THR A 220 -22.23 -17.58 -3.72
CA THR A 220 -22.31 -18.98 -4.10
C THR A 220 -22.95 -19.86 -3.03
N ASN A 221 -22.79 -21.16 -3.21
CA ASN A 221 -23.01 -22.14 -2.16
C ASN A 221 -21.64 -22.41 -1.54
N SER A 222 -20.81 -21.38 -1.56
CA SER A 222 -19.38 -21.49 -1.28
C SER A 222 -19.05 -22.02 0.11
N VAL A 223 -19.57 -21.38 1.15
CA VAL A 223 -19.25 -21.76 2.51
C VAL A 223 -20.31 -22.65 3.13
N CYS A 224 -20.02 -23.95 3.22
CA CYS A 224 -20.97 -24.92 3.75
C CYS A 224 -20.26 -25.86 4.70
N PRO A 225 -20.99 -26.46 5.65
CA PRO A 225 -20.32 -27.40 6.55
C PRO A 225 -19.90 -28.66 5.80
N LYS A 226 -18.75 -29.24 6.13
CA LYS A 226 -18.33 -30.45 5.43
C LYS A 226 -19.03 -31.66 6.04
N LEU A 227 -19.23 -32.70 5.23
CA LEU A 227 -19.95 -33.87 5.68
C LEU A 227 -19.09 -35.13 5.59
N ASP B 1 11.95 22.30 19.37
CA ASP B 1 11.31 21.08 19.00
C ASP B 1 11.97 19.86 19.66
N VAL B 2 11.47 18.67 19.35
CA VAL B 2 11.94 17.44 19.96
C VAL B 2 13.44 17.26 19.79
N LYS B 3 14.15 17.08 20.91
CA LYS B 3 15.59 16.87 20.85
C LYS B 3 16.04 15.78 21.81
N LEU B 4 16.86 14.87 21.31
CA LEU B 4 17.44 13.79 22.10
C LEU B 4 18.95 13.84 21.97
N VAL B 5 19.65 13.92 23.11
CA VAL B 5 21.11 13.96 23.09
C VAL B 5 21.73 12.86 23.97
N GLU B 6 22.43 11.94 23.32
CA GLU B 6 23.12 10.87 24.03
C GLU B 6 24.48 11.35 24.54
N SER B 7 24.90 10.80 25.68
CA SER B 7 26.26 11.03 26.17
C SER B 7 26.78 9.80 26.91
N GLY B 8 28.09 9.72 27.09
CA GLY B 8 28.67 8.70 27.94
C GLY B 8 29.38 7.56 27.23
N GLY B 9 29.39 7.58 25.91
CA GLY B 9 30.05 6.53 25.15
C GLY B 9 31.56 6.52 25.37
N GLY B 10 32.19 5.39 25.11
CA GLY B 10 33.63 5.29 25.27
C GLY B 10 34.19 3.91 24.96
N LEU B 11 35.47 3.74 25.29
CA LEU B 11 36.14 2.44 25.22
C LEU B 11 35.97 1.69 26.52
N VAL B 12 35.58 0.42 26.45
CA VAL B 12 35.44 -0.40 27.65
C VAL B 12 36.09 -1.77 27.44
N LYS B 13 36.68 -2.31 28.50
CA LYS B 13 37.29 -3.64 28.46
C LYS B 13 36.18 -4.69 28.39
N PRO B 14 36.43 -5.79 27.68
CA PRO B 14 35.47 -6.90 27.67
C PRO B 14 35.16 -7.37 29.10
N GLY B 15 33.88 -7.52 29.42
CA GLY B 15 33.48 -7.88 30.77
C GLY B 15 33.17 -6.67 31.64
N GLY B 16 33.57 -5.49 31.17
CA GLY B 16 33.41 -4.27 31.93
C GLY B 16 32.02 -3.65 31.83
N SER B 17 31.88 -2.46 32.39
CA SER B 17 30.59 -1.78 32.48
C SER B 17 30.65 -0.35 31.98
N LEU B 18 29.49 0.17 31.57
CA LEU B 18 29.38 1.56 31.14
C LEU B 18 27.91 2.01 31.11
N LYS B 19 27.66 3.19 31.67
CA LYS B 19 26.32 3.77 31.71
C LYS B 19 26.17 4.90 30.68
N LEU B 20 25.18 4.78 29.81
CA LEU B 20 24.87 5.83 28.85
C LEU B 20 23.75 6.73 29.34
N SER B 21 23.74 7.98 28.88
CA SER B 21 22.70 8.92 29.25
C SER B 21 22.10 9.56 28.00
N CYS B 22 20.85 10.02 28.13
CA CYS B 22 20.19 10.73 27.05
C CYS B 22 19.36 11.88 27.62
N ALA B 23 19.71 13.09 27.21
CA ALA B 23 18.98 14.27 27.65
C ALA B 23 17.87 14.59 26.67
N ALA B 24 16.63 14.62 27.16
CA ALA B 24 15.47 14.86 26.32
C ALA B 24 14.88 16.23 26.58
N SER B 25 14.54 16.94 25.50
CA SER B 25 13.87 18.22 25.59
C SER B 25 12.87 18.38 24.44
N GLY B 26 11.94 19.32 24.61
CA GLY B 26 11.03 19.67 23.53
C GLY B 26 9.73 18.90 23.53
N PHE B 27 9.54 18.06 24.55
CA PHE B 27 8.29 17.31 24.69
C PHE B 27 8.11 16.89 26.14
N THR B 28 6.88 16.53 26.50
CA THR B 28 6.61 16.01 27.85
C THR B 28 7.22 14.62 27.96
N PHE B 29 8.38 14.57 28.59
CA PHE B 29 9.18 13.35 28.68
C PHE B 29 8.42 12.19 29.33
N SER B 30 7.73 12.47 30.42
CA SER B 30 7.03 11.43 31.18
C SER B 30 5.82 10.87 30.44
N SER B 31 5.45 11.48 29.33
CA SER B 31 4.29 11.05 28.56
C SER B 31 4.66 9.99 27.55
N TYR B 32 5.94 9.90 27.22
CA TYR B 32 6.37 8.99 26.17
C TYR B 32 7.17 7.80 26.70
N THR B 33 6.99 6.66 26.06
CA THR B 33 7.82 5.50 26.34
C THR B 33 9.10 5.64 25.52
N MET B 34 10.23 5.33 26.13
CA MET B 34 11.53 5.59 25.53
C MET B 34 12.29 4.29 25.32
N SER B 35 13.15 4.28 24.30
CA SER B 35 13.90 3.06 23.97
C SER B 35 15.34 3.34 23.54
N TRP B 36 16.15 2.28 23.54
CA TRP B 36 17.50 2.36 23.00
C TRP B 36 17.62 1.46 21.77
N VAL B 37 18.23 2.00 20.73
CA VAL B 37 18.50 1.24 19.52
C VAL B 37 19.97 1.38 19.14
N ARG B 38 20.65 0.26 18.94
CA ARG B 38 22.07 0.33 18.59
C ARG B 38 22.30 -0.04 17.14
N GLN B 39 23.37 0.49 16.57
CA GLN B 39 23.77 0.12 15.22
C GLN B 39 25.18 -0.45 15.23
N THR B 40 25.27 -1.72 14.85
CA THR B 40 26.53 -2.47 14.81
C THR B 40 27.43 -1.91 13.70
N PRO B 41 28.73 -2.25 13.75
CA PRO B 41 29.63 -1.84 12.65
C PRO B 41 29.21 -2.32 11.26
N GLU B 42 28.40 -3.36 11.18
CA GLU B 42 27.86 -3.81 9.90
C GLU B 42 26.67 -2.97 9.45
N LYS B 43 26.43 -1.86 10.14
CA LYS B 43 25.28 -0.97 9.88
C LYS B 43 23.92 -1.63 10.12
N ARG B 44 23.91 -2.78 10.79
CA ARG B 44 22.66 -3.44 11.19
C ARG B 44 22.09 -2.80 12.46
N LEU B 45 20.80 -2.47 12.43
CA LEU B 45 20.11 -1.89 13.59
C LEU B 45 19.49 -2.95 14.49
N GLU B 46 19.67 -2.80 15.80
CA GLU B 46 19.12 -3.74 16.77
C GLU B 46 18.44 -3.02 17.94
N TRP B 47 17.19 -3.35 18.22
CA TRP B 47 16.53 -2.88 19.44
C TRP B 47 17.25 -3.42 20.68
N VAL B 48 17.45 -2.55 21.67
CA VAL B 48 18.28 -2.90 22.83
C VAL B 48 17.48 -2.94 24.13
N ALA B 49 16.56 -2.00 24.29
CA ALA B 49 15.75 -1.90 25.50
C ALA B 49 14.62 -0.89 25.28
N THR B 50 13.50 -1.11 25.95
CA THR B 50 12.46 -0.08 26.00
C THR B 50 11.83 0.02 27.39
N ILE B 51 11.40 1.22 27.76
CA ILE B 51 10.83 1.47 29.08
C ILE B 51 9.55 2.30 28.99
N SER B 52 8.57 1.95 29.83
CA SER B 52 7.27 2.63 29.85
C SER B 52 7.35 4.10 30.27
N SER B 53 6.28 4.85 29.97
CA SER B 53 6.13 6.23 30.39
C SER B 53 6.45 6.47 31.86
N GLY B 54 5.89 5.62 32.72
CA GLY B 54 6.00 5.76 34.16
C GLY B 54 7.36 5.32 34.65
N GLY B 55 7.80 4.18 34.11
CA GLY B 55 9.09 3.59 34.45
C GLY B 55 8.88 2.22 35.05
N SER B 56 7.61 1.85 35.19
CA SER B 56 7.21 0.61 35.86
C SER B 56 7.49 -0.64 35.04
N TYR B 57 7.76 -0.47 33.76
CA TYR B 57 7.95 -1.65 32.91
C TYR B 57 9.06 -1.47 31.89
N THR B 58 9.84 -2.52 31.74
CA THR B 58 11.05 -2.49 30.93
C THR B 58 11.11 -3.78 30.13
N TYR B 59 11.64 -3.70 28.91
CA TYR B 59 11.66 -4.84 28.01
C TYR B 59 12.99 -4.95 27.28
N TYR B 60 13.55 -6.16 27.23
CA TYR B 60 14.85 -6.38 26.62
C TYR B 60 14.82 -7.56 25.67
N PRO B 61 15.61 -7.52 24.59
CA PRO B 61 15.88 -8.71 23.78
C PRO B 61 16.82 -9.65 24.54
N ASP B 62 16.77 -10.93 24.22
CA ASP B 62 17.58 -11.93 24.91
C ASP B 62 19.09 -11.68 24.86
N SER B 63 19.56 -11.05 23.80
CA SER B 63 20.99 -10.84 23.60
C SER B 63 21.58 -9.88 24.63
N VAL B 64 20.70 -9.27 25.41
CA VAL B 64 21.09 -8.19 26.28
C VAL B 64 20.44 -8.29 27.67
N LYS B 65 19.42 -9.15 27.79
CA LYS B 65 18.67 -9.24 29.04
C LYS B 65 19.55 -9.84 30.14
N GLY B 66 19.53 -9.22 31.31
CA GLY B 66 20.39 -9.63 32.40
C GLY B 66 21.69 -8.85 32.47
N ARG B 67 22.03 -8.14 31.39
CA ARG B 67 23.26 -7.35 31.37
C ARG B 67 22.98 -5.86 31.28
N PHE B 68 21.96 -5.49 30.50
CA PHE B 68 21.64 -4.09 30.31
C PHE B 68 20.44 -3.71 31.17
N THR B 69 20.41 -2.46 31.64
CA THR B 69 19.28 -1.97 32.42
C THR B 69 18.88 -0.57 31.97
N ILE B 70 17.73 -0.47 31.30
CA ILE B 70 17.18 0.83 30.91
C ILE B 70 16.42 1.44 32.10
N SER B 71 16.62 2.73 32.32
CA SER B 71 15.96 3.40 33.44
C SER B 71 15.66 4.84 33.07
N ARG B 72 14.94 5.53 33.93
CA ARG B 72 14.35 6.82 33.56
C ARG B 72 14.19 7.75 34.76
N ASP B 73 14.55 9.02 34.57
CA ASP B 73 14.35 10.04 35.59
C ASP B 73 13.36 11.08 35.07
N ASN B 74 12.08 10.84 35.29
CA ASN B 74 11.03 11.68 34.73
C ASN B 74 11.06 13.13 35.22
N ALA B 75 11.66 13.36 36.37
CA ALA B 75 11.78 14.71 36.90
C ALA B 75 12.88 15.48 36.21
N LYS B 76 13.94 14.79 35.80
CA LYS B 76 15.09 15.45 35.19
C LYS B 76 15.22 15.20 33.70
N ASN B 77 14.15 14.68 33.09
CA ASN B 77 14.08 14.51 31.65
C ASN B 77 15.23 13.71 31.03
N THR B 78 15.78 12.74 31.75
CA THR B 78 16.85 11.92 31.19
C THR B 78 16.53 10.43 31.16
N LEU B 79 17.12 9.74 30.18
CA LEU B 79 17.04 8.28 30.07
C LEU B 79 18.44 7.69 30.23
N TYR B 80 18.53 6.48 30.78
CA TYR B 80 19.82 5.85 31.01
C TYR B 80 19.89 4.45 30.42
N LEU B 81 21.11 3.96 30.19
CA LEU B 81 21.31 2.57 29.81
C LEU B 81 22.54 2.01 30.50
N GLN B 82 22.33 1.34 31.63
CA GLN B 82 23.44 0.73 32.36
C GLN B 82 23.83 -0.58 31.68
N MET B 83 25.06 -0.65 31.20
CA MET B 83 25.53 -1.86 30.53
C MET B 83 26.57 -2.58 31.38
N SER B 84 26.54 -3.90 31.38
CA SER B 84 27.51 -4.67 32.14
C SER B 84 27.83 -5.99 31.45
N SER B 85 28.92 -6.61 31.87
CA SER B 85 29.41 -7.84 31.24
C SER B 85 29.52 -7.65 29.73
N LEU B 86 30.04 -6.49 29.34
CA LEU B 86 30.12 -6.11 27.94
C LEU B 86 30.91 -7.11 27.12
N LYS B 87 30.41 -7.38 25.91
CA LYS B 87 31.09 -8.27 24.98
C LYS B 87 31.48 -7.44 23.77
N SER B 88 32.35 -7.97 22.91
CA SER B 88 32.76 -7.23 21.73
C SER B 88 31.61 -7.02 20.73
N GLU B 89 30.60 -7.91 20.77
CA GLU B 89 29.43 -7.74 19.91
C GLU B 89 28.44 -6.71 20.46
N ASP B 90 28.83 -6.03 21.53
CA ASP B 90 28.05 -4.89 22.04
C ASP B 90 28.61 -3.61 21.44
N THR B 91 29.75 -3.73 20.76
CA THR B 91 30.36 -2.57 20.13
C THR B 91 29.41 -2.04 19.07
N ALA B 92 29.02 -0.78 19.21
CA ALA B 92 27.99 -0.18 18.37
C ALA B 92 27.82 1.30 18.65
N MET B 93 27.15 1.99 17.73
CA MET B 93 26.58 3.30 18.00
C MET B 93 25.25 3.14 18.72
N TYR B 94 25.07 3.83 19.84
CA TYR B 94 23.84 3.68 20.62
C TYR B 94 22.91 4.88 20.50
N TYR B 95 21.69 4.63 20.07
CA TYR B 95 20.72 5.70 19.84
C TYR B 95 19.63 5.78 20.91
N CYS B 96 19.43 6.98 21.43
CA CYS B 96 18.27 7.31 22.23
C CYS B 96 17.07 7.57 21.31
N THR B 97 15.95 6.89 21.55
CA THR B 97 14.77 7.08 20.70
C THR B 97 13.48 7.29 21.47
N ARG B 98 12.63 8.17 20.95
CA ARG B 98 11.28 8.33 21.48
C ARG B 98 10.42 7.27 20.81
N ASP B 99 9.55 6.63 21.60
CA ASP B 99 8.88 5.41 21.14
C ASP B 99 7.37 5.44 21.40
N GLY B 100 6.71 4.35 21.03
CA GLY B 100 5.27 4.21 21.09
C GLY B 100 4.87 3.08 20.16
N ASN B 101 4.37 3.43 18.98
CA ASN B 101 4.10 2.43 17.95
C ASN B 101 5.22 2.45 16.91
N ASP B 102 6.24 3.27 17.18
CA ASP B 102 7.35 3.49 16.27
C ASP B 102 8.42 4.37 16.91
N TYR B 103 9.62 4.36 16.34
CA TYR B 103 10.70 5.22 16.82
C TYR B 103 10.63 6.55 16.07
N ASP B 104 9.81 7.48 16.57
CA ASP B 104 9.50 8.66 15.77
C ASP B 104 10.57 9.75 15.88
N TYR B 105 11.42 9.65 16.90
CA TYR B 105 12.58 10.55 16.96
C TYR B 105 13.85 9.89 17.49
N TRP B 106 14.97 10.23 16.86
CA TRP B 106 16.26 9.61 17.13
C TRP B 106 17.28 10.68 17.51
N GLY B 107 18.16 10.34 18.44
CA GLY B 107 19.27 11.21 18.77
C GLY B 107 20.43 11.01 17.81
N GLN B 108 21.51 11.74 18.02
CA GLN B 108 22.68 11.66 17.15
C GLN B 108 23.49 10.41 17.44
N GLY B 109 23.25 9.79 18.59
CA GLY B 109 23.93 8.56 18.96
C GLY B 109 25.23 8.79 19.72
N THR B 110 25.63 7.78 20.48
CA THR B 110 26.92 7.80 21.15
C THR B 110 27.58 6.44 20.96
N THR B 111 28.89 6.44 20.72
CA THR B 111 29.57 5.22 20.31
C THR B 111 30.04 4.39 21.49
N LEU B 112 30.07 3.08 21.32
CA LEU B 112 30.62 2.18 22.32
C LEU B 112 31.60 1.22 21.67
N THR B 113 32.84 1.23 22.14
CA THR B 113 33.82 0.26 21.69
C THR B 113 34.22 -0.64 22.84
N VAL B 114 34.01 -1.94 22.66
CA VAL B 114 34.42 -2.91 23.67
C VAL B 114 35.65 -3.65 23.19
N SER B 115 36.81 -3.22 23.65
CA SER B 115 38.09 -3.79 23.23
C SER B 115 39.07 -3.80 24.38
N SER B 116 40.06 -4.69 24.31
CA SER B 116 41.14 -4.70 25.29
C SER B 116 42.30 -3.84 24.80
N ALA B 117 42.19 -3.32 23.59
CA ALA B 117 43.27 -2.52 23.01
C ALA B 117 43.34 -1.18 23.73
N LYS B 118 44.48 -0.51 23.62
CA LYS B 118 44.74 0.65 24.46
C LYS B 118 44.39 1.97 23.78
N THR B 119 43.93 2.92 24.60
CA THR B 119 43.63 4.25 24.09
C THR B 119 44.91 4.93 23.65
N THR B 120 44.89 5.46 22.42
CA THR B 120 46.08 6.05 21.83
C THR B 120 45.69 7.30 21.06
N PRO B 121 46.36 8.44 21.34
CA PRO B 121 46.10 9.71 20.65
C PRO B 121 46.54 9.67 19.20
N PRO B 122 45.93 10.49 18.34
CA PRO B 122 46.28 10.56 16.92
C PRO B 122 47.49 11.43 16.62
N SER B 123 48.24 11.08 15.58
CA SER B 123 49.24 11.96 15.02
C SER B 123 48.62 12.63 13.80
N VAL B 124 48.66 13.96 13.75
CA VAL B 124 48.02 14.71 12.68
C VAL B 124 49.01 15.40 11.75
N TYR B 125 49.06 14.92 10.51
CA TYR B 125 50.00 15.44 9.54
C TYR B 125 49.31 16.22 8.42
N PRO B 126 49.88 17.39 8.08
CA PRO B 126 49.36 18.25 7.02
C PRO B 126 49.56 17.62 5.65
N LEU B 127 48.58 17.76 4.77
CA LEU B 127 48.70 17.32 3.40
C LEU B 127 48.66 18.54 2.48
N ALA B 128 49.84 19.07 2.16
CA ALA B 128 49.96 20.18 1.24
C ALA B 128 50.34 19.66 -0.15
N PRO B 129 49.86 20.34 -1.20
CA PRO B 129 50.17 19.91 -2.57
C PRO B 129 51.65 20.04 -2.89
N GLY B 130 52.18 19.12 -3.69
CA GLY B 130 53.56 19.20 -4.12
C GLY B 130 53.83 20.45 -4.93
N SER B 131 55.10 20.76 -5.16
CA SER B 131 55.47 21.96 -5.90
C SER B 131 55.63 21.64 -7.38
N ASN B 136 44.51 24.73 -12.06
CA ASN B 136 43.08 24.46 -11.95
C ASN B 136 42.40 25.43 -10.99
N SER B 137 41.11 25.67 -11.21
CA SER B 137 40.38 26.69 -10.46
C SER B 137 40.14 26.31 -9.00
N MET B 138 40.33 25.04 -8.66
CA MET B 138 40.24 24.60 -7.27
C MET B 138 41.53 23.92 -6.84
N VAL B 139 41.78 23.92 -5.53
CA VAL B 139 42.96 23.26 -4.98
C VAL B 139 42.57 22.43 -3.77
N THR B 140 43.07 21.20 -3.73
CA THR B 140 42.71 20.25 -2.69
C THR B 140 43.82 20.08 -1.66
N LEU B 141 43.48 20.29 -0.39
CA LEU B 141 44.41 20.11 0.72
C LEU B 141 43.94 18.92 1.54
N GLY B 142 44.56 18.68 2.69
CA GLY B 142 44.15 17.57 3.52
C GLY B 142 44.87 17.42 4.85
N CYS B 143 44.34 16.51 5.67
CA CYS B 143 45.03 16.11 6.90
C CYS B 143 45.09 14.61 7.04
N LEU B 144 46.19 14.12 7.61
CA LEU B 144 46.38 12.70 7.86
C LEU B 144 46.30 12.43 9.36
N VAL B 145 45.20 11.79 9.76
CA VAL B 145 44.99 11.44 11.17
C VAL B 145 45.42 10.00 11.45
N LYS B 146 46.63 9.84 11.99
CA LYS B 146 47.26 8.52 12.11
C LYS B 146 47.40 7.91 13.51
N GLY B 147 47.16 6.61 13.59
CA GLY B 147 47.52 5.81 14.74
C GLY B 147 46.81 6.12 16.04
N TYR B 148 45.49 6.25 15.98
CA TYR B 148 44.69 6.49 17.17
C TYR B 148 43.75 5.34 17.48
N PHE B 149 43.29 5.32 18.73
CA PHE B 149 42.33 4.33 19.20
C PHE B 149 41.73 4.80 20.51
N PRO B 150 40.40 4.66 20.66
CA PRO B 150 39.50 4.10 19.65
C PRO B 150 38.88 5.15 18.74
N GLU B 151 37.86 4.74 18.01
CA GLU B 151 36.97 5.65 17.29
C GLU B 151 36.08 6.33 18.32
N PRO B 152 35.60 7.55 18.01
CA PRO B 152 35.86 8.32 16.80
C PRO B 152 36.79 9.50 17.01
N VAL B 153 37.25 10.07 15.90
CA VAL B 153 37.85 11.39 15.94
C VAL B 153 36.87 12.36 15.29
N THR B 154 37.08 13.64 15.53
CA THR B 154 36.27 14.64 14.86
C THR B 154 37.21 15.52 14.07
N VAL B 155 36.87 15.74 12.80
CA VAL B 155 37.71 16.59 11.95
C VAL B 155 36.92 17.75 11.38
N THR B 156 37.41 18.95 11.62
CA THR B 156 36.80 20.14 11.04
C THR B 156 37.90 20.99 10.40
N TRP B 157 37.47 21.95 9.59
CA TRP B 157 38.41 22.84 8.89
C TRP B 157 38.09 24.28 9.22
N ASN B 158 39.10 25.01 9.69
CA ASN B 158 38.94 26.38 10.18
C ASN B 158 37.84 26.47 11.22
N SER B 159 37.85 25.52 12.16
CA SER B 159 36.92 25.49 13.28
C SER B 159 35.46 25.49 12.83
N GLY B 160 35.17 24.78 11.76
CA GLY B 160 33.82 24.67 11.24
C GLY B 160 33.51 25.55 10.04
N SER B 161 34.22 26.66 9.90
CA SER B 161 33.96 27.62 8.82
C SER B 161 33.99 26.96 7.44
N LEU B 162 35.01 26.14 7.20
CA LEU B 162 35.09 25.37 5.97
C LEU B 162 34.35 24.05 6.12
N SER B 163 33.21 23.95 5.46
CA SER B 163 32.41 22.73 5.50
C SER B 163 32.00 22.33 4.09
N SER B 164 32.00 23.31 3.19
CA SER B 164 31.55 23.13 1.82
C SER B 164 32.27 22.02 1.04
N GLY B 165 33.58 22.18 0.84
CA GLY B 165 34.32 21.24 0.02
C GLY B 165 35.01 20.13 0.80
N VAL B 166 34.37 19.68 1.87
CA VAL B 166 34.99 18.71 2.77
C VAL B 166 34.35 17.32 2.72
N HIS B 167 35.17 16.28 2.62
CA HIS B 167 34.70 14.95 2.99
C HIS B 167 35.81 14.17 3.71
N THR B 168 35.45 13.58 4.84
CA THR B 168 36.39 12.79 5.62
C THR B 168 36.18 11.30 5.36
N PHE B 169 37.26 10.62 4.98
CA PHE B 169 37.19 9.21 4.64
C PHE B 169 36.99 8.34 5.88
N PRO B 170 36.28 7.21 5.72
CA PRO B 170 36.12 6.24 6.80
C PRO B 170 37.49 5.79 7.32
N ALA B 171 37.60 5.60 8.62
CA ALA B 171 38.85 5.15 9.21
C ALA B 171 39.16 3.71 8.82
N VAL B 172 40.44 3.41 8.69
CA VAL B 172 40.91 2.05 8.43
C VAL B 172 41.65 1.53 9.66
N LEU B 173 41.29 0.33 10.10
CA LEU B 173 41.86 -0.26 11.31
C LEU B 173 42.96 -1.24 10.97
N GLN B 174 44.13 -1.05 11.57
CA GLN B 174 45.24 -1.96 11.35
C GLN B 174 46.17 -2.04 12.56
N SER B 175 46.32 -3.25 13.10
CA SER B 175 47.09 -3.49 14.32
C SER B 175 46.59 -2.63 15.47
N ASP B 176 45.27 -2.63 15.65
CA ASP B 176 44.60 -1.96 16.77
C ASP B 176 44.77 -0.45 16.76
N LEU B 177 45.12 0.11 15.61
CA LEU B 177 45.18 1.57 15.47
C LEU B 177 44.44 2.02 14.21
N TYR B 178 43.68 3.10 14.35
CA TYR B 178 42.94 3.66 13.24
C TYR B 178 43.73 4.74 12.51
N THR B 179 43.44 4.88 11.22
CA THR B 179 44.00 5.95 10.40
C THR B 179 42.94 6.42 9.41
N LEU B 180 42.79 7.73 9.30
CA LEU B 180 41.92 8.31 8.29
C LEU B 180 42.53 9.58 7.74
N SER B 181 42.01 10.04 6.61
CA SER B 181 42.39 11.32 6.05
C SER B 181 41.17 12.21 5.90
N SER B 182 41.37 13.52 5.95
CA SER B 182 40.29 14.45 5.61
C SER B 182 40.68 15.29 4.41
N SER B 183 39.72 15.51 3.51
CA SER B 183 39.96 16.22 2.26
C SER B 183 39.16 17.52 2.18
N VAL B 184 39.85 18.63 1.90
CA VAL B 184 39.17 19.91 1.72
C VAL B 184 39.58 20.59 0.42
N THR B 185 38.58 21.05 -0.33
CA THR B 185 38.83 21.71 -1.60
C THR B 185 38.41 23.18 -1.52
N VAL B 186 39.35 24.07 -1.75
CA VAL B 186 39.08 25.50 -1.72
C VAL B 186 39.38 26.13 -3.08
N PRO B 187 38.78 27.30 -3.37
CA PRO B 187 39.06 27.99 -4.63
C PRO B 187 40.56 28.28 -4.79
N SER B 188 41.02 28.42 -6.03
CA SER B 188 42.44 28.69 -6.27
C SER B 188 42.85 30.07 -5.74
N SER B 189 41.90 30.98 -5.67
CA SER B 189 42.17 32.33 -5.15
C SER B 189 42.67 32.35 -3.69
N THR B 190 42.02 31.57 -2.85
CA THR B 190 42.20 31.61 -1.45
C THR B 190 43.43 30.89 -0.89
N TRP B 191 44.24 30.26 -1.70
CA TRP B 191 45.36 29.55 -1.17
C TRP B 191 46.64 29.87 -1.85
N PRO B 192 47.68 30.17 -1.10
CA PRO B 192 47.65 30.31 0.37
C PRO B 192 47.21 31.69 0.85
N SER B 193 46.46 32.40 0.02
CA SER B 193 45.96 33.71 0.38
C SER B 193 45.17 33.67 1.68
N GLU B 194 44.40 32.60 1.87
CA GLU B 194 43.59 32.46 3.07
C GLU B 194 43.92 31.17 3.81
N THR B 195 44.10 31.30 5.12
CA THR B 195 44.58 30.22 5.98
C THR B 195 43.65 29.02 6.05
N VAL B 196 44.19 27.84 5.72
CA VAL B 196 43.44 26.60 5.85
C VAL B 196 44.03 25.73 6.96
N THR B 197 43.19 25.34 7.91
CA THR B 197 43.64 24.63 9.11
C THR B 197 42.69 23.52 9.51
N CYS B 198 43.20 22.32 9.76
CA CYS B 198 42.32 21.24 10.18
C CYS B 198 42.36 21.04 11.71
N ASN B 199 41.18 20.78 12.27
CA ASN B 199 41.05 20.66 13.71
C ASN B 199 40.70 19.23 14.05
N VAL B 200 41.59 18.53 14.72
CA VAL B 200 41.36 17.12 15.02
C VAL B 200 41.05 16.92 16.50
N ALA B 201 39.86 16.42 16.80
CA ALA B 201 39.48 16.10 18.17
C ALA B 201 39.43 14.59 18.37
N HIS B 202 40.06 14.12 19.44
CA HIS B 202 40.01 12.71 19.82
C HIS B 202 39.58 12.59 21.28
N PRO B 203 38.26 12.53 21.52
CA PRO B 203 37.69 12.59 22.87
C PRO B 203 38.25 11.54 23.83
N ALA B 204 38.53 10.34 23.35
CA ALA B 204 38.97 9.27 24.23
C ALA B 204 40.29 9.61 24.92
N SER B 205 41.18 10.28 24.21
CA SER B 205 42.45 10.67 24.78
C SER B 205 42.47 12.13 25.19
N SER B 206 41.31 12.79 25.11
CA SER B 206 41.20 14.22 25.37
C SER B 206 42.19 15.02 24.53
N THR B 207 42.33 14.63 23.27
CA THR B 207 43.29 15.27 22.37
C THR B 207 42.61 16.19 21.35
N LYS B 208 43.06 17.45 21.31
CA LYS B 208 42.64 18.40 20.27
C LYS B 208 43.84 19.09 19.65
N VAL B 209 44.11 18.84 18.38
CA VAL B 209 45.22 19.50 17.70
C VAL B 209 44.83 20.26 16.43
N ASP B 210 45.46 21.39 16.22
CA ASP B 210 45.27 22.19 15.02
C ASP B 210 46.46 22.05 14.08
N LYS B 211 46.20 21.95 12.78
CA LYS B 211 47.28 21.88 11.80
C LYS B 211 47.08 22.82 10.61
N LYS B 212 47.86 23.89 10.58
CA LYS B 212 47.87 24.83 9.46
C LYS B 212 48.51 24.17 8.25
N ILE B 213 47.85 24.23 7.10
CA ILE B 213 48.44 23.71 5.87
C ILE B 213 49.33 24.77 5.22
N VAL B 214 50.63 24.56 5.28
CA VAL B 214 51.62 25.48 4.72
C VAL B 214 52.06 24.98 3.36
N PRO B 215 52.10 25.87 2.35
CA PRO B 215 52.57 25.45 1.03
C PRO B 215 53.94 24.81 1.14
N ARG B 216 54.18 23.71 0.44
CA ARG B 216 55.42 22.96 0.62
C ARG B 216 56.63 23.83 0.33
N ASP B 217 57.26 24.29 1.41
CA ASP B 217 58.43 25.15 1.37
C ASP B 217 59.56 24.50 0.57
N CYS B 218 59.36 24.38 -0.73
CA CYS B 218 60.30 23.71 -1.60
C CYS B 218 61.31 24.73 -2.09
N GLY B 219 62.40 24.86 -1.35
CA GLY B 219 63.47 25.77 -1.70
C GLY B 219 64.70 25.03 -2.16
N ASP C 1 11.28 -15.28 17.09
CA ASP C 1 11.57 -13.94 16.60
C ASP C 1 11.15 -13.78 15.14
N ILE C 2 10.69 -12.58 14.80
CA ILE C 2 10.34 -12.27 13.42
C ILE C 2 11.52 -11.66 12.70
N GLN C 3 12.00 -12.33 11.65
CA GLN C 3 13.08 -11.80 10.85
C GLN C 3 12.51 -10.88 9.77
N MET C 4 13.23 -9.78 9.50
CA MET C 4 12.81 -8.84 8.48
C MET C 4 13.86 -8.82 7.38
N THR C 5 13.46 -9.21 6.18
CA THR C 5 14.38 -9.33 5.07
C THR C 5 14.12 -8.26 4.01
N GLN C 6 15.14 -7.50 3.66
CA GLN C 6 15.02 -6.60 2.52
C GLN C 6 15.79 -7.26 1.39
N THR C 7 15.10 -7.50 0.28
CA THR C 7 15.60 -8.36 -0.79
C THR C 7 16.92 -7.91 -1.40
N THR C 8 17.15 -6.60 -1.42
CA THR C 8 18.40 -6.08 -1.95
C THR C 8 19.15 -5.26 -0.92
N SER C 9 20.47 -5.26 -1.01
CA SER C 9 21.30 -4.45 -0.13
C SER C 9 21.54 -3.07 -0.76
N SER C 10 21.34 -2.99 -2.08
CA SER C 10 21.55 -1.74 -2.80
C SER C 10 20.65 -1.61 -4.02
N LEU C 11 20.47 -0.36 -4.44
CA LEU C 11 19.61 0.06 -5.54
C LEU C 11 20.12 1.37 -6.10
N SER C 12 20.02 1.54 -7.41
CA SER C 12 20.38 2.81 -8.03
C SER C 12 19.33 3.22 -9.06
N ALA C 13 19.10 4.53 -9.13
CA ALA C 13 18.05 5.06 -9.98
C ALA C 13 18.38 6.48 -10.37
N SER C 14 17.61 7.02 -11.31
CA SER C 14 17.86 8.34 -11.84
C SER C 14 17.01 9.36 -11.11
N LEU C 15 17.42 10.62 -11.14
CA LEU C 15 16.60 11.73 -10.66
C LEU C 15 15.22 11.67 -11.30
N GLY C 16 14.17 11.95 -10.53
CA GLY C 16 12.83 11.95 -11.07
C GLY C 16 12.16 10.58 -11.10
N ASP C 17 12.97 9.54 -10.98
CA ASP C 17 12.48 8.16 -11.01
C ASP C 17 11.54 7.80 -9.86
N ARG C 18 10.80 6.72 -10.05
CA ARG C 18 10.00 6.12 -9.01
C ARG C 18 10.67 4.84 -8.51
N VAL C 19 10.95 4.80 -7.21
CA VAL C 19 11.67 3.66 -6.64
C VAL C 19 10.84 2.95 -5.57
N THR C 20 10.89 1.62 -5.59
CA THR C 20 10.21 0.84 -4.57
C THR C 20 11.19 -0.03 -3.81
N ILE C 21 11.07 -0.02 -2.49
CA ILE C 21 11.91 -0.82 -1.63
C ILE C 21 11.02 -1.80 -0.91
N SER C 22 11.32 -3.09 -1.02
CA SER C 22 10.41 -4.11 -0.53
C SER C 22 10.92 -4.76 0.76
N CYS C 23 9.98 -5.23 1.57
CA CYS C 23 10.29 -5.75 2.89
C CYS C 23 9.45 -6.99 3.15
N ARG C 24 10.11 -8.09 3.49
CA ARG C 24 9.40 -9.32 3.81
C ARG C 24 9.57 -9.68 5.29
N ALA C 25 8.47 -10.06 5.91
CA ALA C 25 8.50 -10.51 7.29
C ALA C 25 8.37 -12.02 7.31
N SER C 26 8.98 -12.65 8.29
CA SER C 26 9.04 -14.11 8.34
C SER C 26 7.70 -14.67 8.77
N GLN C 27 6.82 -13.79 9.22
CA GLN C 27 5.44 -14.13 9.52
C GLN C 27 4.59 -12.87 9.57
N ASP C 28 3.29 -13.05 9.73
CA ASP C 28 2.32 -11.96 9.68
C ASP C 28 2.58 -10.92 10.78
N ILE C 29 2.83 -9.68 10.38
CA ILE C 29 3.08 -8.63 11.37
C ILE C 29 1.94 -7.62 11.45
N SER C 30 0.82 -7.95 10.80
CA SER C 30 -0.41 -7.17 10.89
C SER C 30 -0.20 -5.66 10.76
N ASN C 31 0.45 -5.27 9.66
CA ASN C 31 0.66 -3.86 9.32
C ASN C 31 1.50 -3.03 10.28
N TYR C 32 1.95 -3.61 11.39
CA TYR C 32 2.88 -2.92 12.27
C TYR C 32 4.25 -2.85 11.62
N LEU C 33 4.39 -1.97 10.62
CA LEU C 33 5.66 -1.84 9.94
C LEU C 33 6.05 -0.39 9.70
N ASN C 34 7.27 -0.04 10.10
CA ASN C 34 7.76 1.32 10.00
C ASN C 34 8.96 1.41 9.05
N TRP C 35 9.12 2.55 8.40
CA TRP C 35 10.27 2.78 7.53
C TRP C 35 11.12 3.93 8.04
N TYR C 36 12.43 3.71 8.05
CA TYR C 36 13.37 4.72 8.52
C TYR C 36 14.37 5.09 7.44
N GLN C 37 14.75 6.36 7.42
CA GLN C 37 15.78 6.84 6.52
C GLN C 37 17.05 7.18 7.29
N GLN C 38 18.16 6.57 6.92
CA GLN C 38 19.44 6.98 7.49
C GLN C 38 20.31 7.60 6.41
N LYS C 39 20.67 8.86 6.62
CA LYS C 39 21.43 9.63 5.65
C LYS C 39 22.91 9.31 5.81
N PRO C 40 23.75 9.67 4.82
CA PRO C 40 25.18 9.36 4.90
C PRO C 40 25.88 9.93 6.13
N ASP C 41 25.37 11.03 6.70
CA ASP C 41 25.96 11.60 7.91
C ASP C 41 25.57 10.80 9.16
N GLY C 42 24.73 9.78 8.99
CA GLY C 42 24.38 8.89 10.07
C GLY C 42 23.05 9.18 10.75
N THR C 43 22.47 10.35 10.47
CA THR C 43 21.25 10.76 11.17
C THR C 43 20.05 9.95 10.71
N VAL C 44 19.26 9.51 11.68
CA VAL C 44 18.13 8.63 11.43
C VAL C 44 16.81 9.35 11.66
N LYS C 45 15.87 9.20 10.74
CA LYS C 45 14.55 9.78 10.93
C LYS C 45 13.49 8.82 10.39
N LEU C 46 12.32 8.86 11.02
CA LEU C 46 11.20 8.01 10.65
C LEU C 46 10.48 8.57 9.44
N LEU C 47 10.03 7.69 8.54
CA LEU C 47 9.41 8.12 7.30
C LEU C 47 7.93 7.77 7.25
N ILE C 48 7.66 6.51 7.52
CA ILE C 48 6.33 5.93 7.40
C ILE C 48 6.12 5.06 8.61
N TYR C 49 4.97 5.20 9.27
CA TYR C 49 4.67 4.33 10.40
C TYR C 49 3.36 3.60 10.13
N TYR C 50 3.26 2.38 10.64
CA TYR C 50 2.09 1.54 10.44
C TYR C 50 1.78 1.38 8.95
N THR C 51 2.78 0.88 8.23
CA THR C 51 2.69 0.52 6.81
C THR C 51 2.59 1.70 5.83
N SER C 52 1.69 2.64 6.09
CA SER C 52 1.35 3.60 5.06
C SER C 52 1.22 5.05 5.52
N ARG C 53 1.38 5.29 6.81
CA ARG C 53 1.11 6.63 7.31
C ARG C 53 2.34 7.55 7.32
N LEU C 54 2.16 8.72 6.71
CA LEU C 54 3.21 9.70 6.55
C LEU C 54 3.57 10.42 7.85
N HIS C 55 4.82 10.31 8.27
CA HIS C 55 5.30 11.04 9.44
C HIS C 55 5.32 12.55 9.15
N SER C 56 4.96 13.34 10.15
CA SER C 56 4.98 14.80 10.01
C SER C 56 6.36 15.32 9.62
N GLY C 57 6.41 16.13 8.56
CA GLY C 57 7.65 16.71 8.09
C GLY C 57 8.28 15.93 6.94
N VAL C 58 7.69 14.79 6.62
CA VAL C 58 8.19 13.95 5.55
C VAL C 58 7.37 14.19 4.28
N PRO C 59 8.04 14.45 3.15
CA PRO C 59 7.31 14.87 1.96
C PRO C 59 6.43 13.78 1.35
N SER C 60 5.42 14.19 0.60
CA SER C 60 4.44 13.28 0.01
C SER C 60 5.04 12.29 -0.97
N ARG C 61 6.26 12.56 -1.44
CA ARG C 61 6.94 11.67 -2.36
C ARG C 61 7.14 10.28 -1.78
N PHE C 62 7.24 10.22 -0.45
CA PHE C 62 7.36 8.94 0.24
C PHE C 62 5.98 8.35 0.50
N SER C 63 5.83 7.06 0.25
CA SER C 63 4.58 6.37 0.60
C SER C 63 4.87 4.92 0.91
N GLY C 64 3.96 4.28 1.64
CA GLY C 64 4.13 2.88 1.99
C GLY C 64 2.90 2.07 1.68
N SER C 65 3.06 0.76 1.60
CA SER C 65 1.96 -0.13 1.27
C SER C 65 2.28 -1.56 1.64
N GLY C 66 1.27 -2.43 1.61
CA GLY C 66 1.45 -3.83 1.92
C GLY C 66 0.60 -4.36 3.07
N SER C 67 0.60 -5.67 3.23
CA SER C 67 -0.15 -6.35 4.28
C SER C 67 0.47 -7.72 4.52
N GLY C 68 0.09 -8.36 5.62
CA GLY C 68 0.58 -9.69 5.92
C GLY C 68 2.06 -9.70 6.19
N THR C 69 2.83 -10.22 5.23
CA THR C 69 4.28 -10.30 5.35
C THR C 69 5.02 -9.46 4.32
N ASP C 70 4.29 -8.96 3.32
CA ASP C 70 4.90 -8.23 2.22
C ASP C 70 4.59 -6.74 2.27
N TYR C 71 5.63 -5.93 2.40
CA TYR C 71 5.45 -4.48 2.50
C TYR C 71 6.39 -3.71 1.56
N SER C 72 6.01 -2.48 1.22
CA SER C 72 6.80 -1.69 0.29
C SER C 72 6.90 -0.24 0.71
N LEU C 73 8.06 0.34 0.40
CA LEU C 73 8.26 1.77 0.53
C LEU C 73 8.45 2.28 -0.87
N THR C 74 7.83 3.40 -1.18
CA THR C 74 7.94 3.95 -2.51
C THR C 74 8.37 5.40 -2.38
N ILE C 75 9.38 5.75 -3.18
CA ILE C 75 9.84 7.11 -3.26
C ILE C 75 9.64 7.60 -4.69
N SER C 76 8.65 8.47 -4.89
CA SER C 76 8.41 9.04 -6.21
C SER C 76 9.23 10.30 -6.44
N ASN C 77 9.43 10.64 -7.72
CA ASN C 77 10.19 11.81 -8.15
C ASN C 77 11.51 11.92 -7.40
N LEU C 78 12.36 10.92 -7.60
CA LEU C 78 13.59 10.77 -6.84
C LEU C 78 14.41 12.03 -6.85
N GLU C 79 14.93 12.39 -5.68
CA GLU C 79 15.60 13.65 -5.46
C GLU C 79 17.01 13.42 -4.96
N GLN C 80 17.90 14.38 -5.21
CA GLN C 80 19.29 14.32 -4.78
C GLN C 80 19.43 13.89 -3.31
N GLU C 81 18.68 14.56 -2.44
CA GLU C 81 18.73 14.31 -1.00
C GLU C 81 18.14 12.97 -0.57
N ASP C 82 17.61 12.18 -1.51
CA ASP C 82 17.07 10.87 -1.16
C ASP C 82 18.15 9.82 -1.04
N ILE C 83 19.39 10.21 -1.33
CA ILE C 83 20.54 9.34 -1.11
C ILE C 83 20.62 8.99 0.36
N ALA C 84 20.49 7.70 0.66
CA ALA C 84 20.33 7.22 2.02
C ALA C 84 20.21 5.70 2.08
N THR C 85 20.22 5.16 3.29
CA THR C 85 19.90 3.75 3.49
C THR C 85 18.53 3.67 4.18
N TYR C 86 17.67 2.79 3.67
CA TYR C 86 16.30 2.70 4.17
C TYR C 86 16.04 1.39 4.89
N PHE C 87 15.48 1.49 6.10
CA PHE C 87 15.25 0.32 6.94
C PHE C 87 13.78 0.11 7.20
N CYS C 88 13.35 -1.16 7.15
CA CYS C 88 12.02 -1.50 7.64
C CYS C 88 12.14 -2.08 9.04
N GLN C 89 11.06 -1.98 9.80
CA GLN C 89 11.05 -2.43 11.19
C GLN C 89 9.65 -2.83 11.61
N GLN C 90 9.52 -4.01 12.21
CA GLN C 90 8.22 -4.53 12.62
C GLN C 90 7.95 -4.29 14.11
N GLY C 91 6.69 -3.96 14.42
CA GLY C 91 6.27 -3.68 15.77
C GLY C 91 5.11 -4.56 16.22
N ASN C 92 5.04 -5.77 15.66
CA ASN C 92 3.96 -6.70 15.99
C ASN C 92 4.22 -7.40 17.32
N THR C 93 5.39 -8.03 17.43
CA THR C 93 5.74 -8.76 18.64
C THR C 93 7.18 -8.47 19.05
N LEU C 94 7.44 -8.47 20.35
CA LEU C 94 8.81 -8.43 20.86
C LEU C 94 9.52 -9.73 20.54
N PRO C 95 10.81 -9.65 20.18
CA PRO C 95 11.61 -8.43 20.10
C PRO C 95 11.39 -7.62 18.84
N ARG C 96 11.37 -6.29 18.97
CA ARG C 96 11.37 -5.42 17.80
C ARG C 96 12.55 -5.76 16.91
N THR C 97 12.33 -5.84 15.61
CA THR C 97 13.40 -6.23 14.69
C THR C 97 13.40 -5.41 13.42
N PHE C 98 14.60 -5.18 12.91
CA PHE C 98 14.81 -4.34 11.73
C PHE C 98 15.21 -5.16 10.52
N GLY C 99 14.83 -4.69 9.34
CA GLY C 99 15.40 -5.19 8.10
C GLY C 99 16.87 -4.79 8.02
N GLY C 100 17.62 -5.45 7.16
CA GLY C 100 19.04 -5.19 7.02
C GLY C 100 19.38 -3.90 6.27
N GLY C 101 18.38 -3.28 5.66
CA GLY C 101 18.58 -1.98 5.05
C GLY C 101 18.82 -2.02 3.56
N THR C 102 18.40 -0.97 2.87
CA THR C 102 18.62 -0.87 1.43
C THR C 102 19.24 0.48 1.11
N LYS C 103 20.44 0.47 0.54
CA LYS C 103 21.12 1.71 0.18
C LYS C 103 20.68 2.19 -1.19
N LEU C 104 20.36 3.48 -1.27
CA LEU C 104 19.87 4.08 -2.52
C LEU C 104 20.92 4.95 -3.18
N GLU C 105 21.34 4.55 -4.38
CA GLU C 105 22.26 5.35 -5.17
C GLU C 105 21.50 6.17 -6.20
N ILE C 106 21.78 7.47 -6.26
CA ILE C 106 21.13 8.32 -7.25
C ILE C 106 22.12 8.61 -8.37
N LYS C 107 21.79 8.13 -9.57
CA LYS C 107 22.62 8.28 -10.77
C LYS C 107 22.93 9.74 -11.12
N ARG C 108 24.06 9.94 -11.78
CA ARG C 108 24.44 11.25 -12.32
C ARG C 108 25.28 11.04 -13.57
N ALA C 109 25.66 12.13 -14.22
CA ALA C 109 26.55 12.04 -15.36
C ALA C 109 27.89 11.50 -14.90
N ASP C 110 28.56 10.78 -15.79
CA ASP C 110 29.90 10.30 -15.52
C ASP C 110 30.82 11.46 -15.15
N ALA C 111 31.65 11.23 -14.14
CA ALA C 111 32.62 12.23 -13.73
C ALA C 111 33.94 11.55 -13.41
N ALA C 112 34.99 12.07 -14.01
CA ALA C 112 36.33 11.54 -13.82
C ALA C 112 36.85 11.93 -12.44
N PRO C 113 37.71 11.08 -11.86
CA PRO C 113 38.22 11.43 -10.53
C PRO C 113 39.21 12.60 -10.59
N THR C 114 39.14 13.48 -9.59
CA THR C 114 40.19 14.47 -9.38
C THR C 114 41.27 13.83 -8.53
N VAL C 115 42.50 13.85 -9.01
CA VAL C 115 43.57 13.11 -8.36
C VAL C 115 44.64 14.02 -7.76
N SER C 116 44.86 13.86 -6.45
CA SER C 116 45.91 14.59 -5.75
C SER C 116 46.85 13.61 -5.04
N ILE C 117 48.14 13.94 -5.06
CA ILE C 117 49.13 13.15 -4.33
C ILE C 117 49.90 14.08 -3.39
N PHE C 118 50.08 13.65 -2.16
CA PHE C 118 50.81 14.44 -1.19
C PHE C 118 52.00 13.68 -0.64
N PRO C 119 53.15 14.36 -0.54
CA PRO C 119 54.33 13.73 0.03
C PRO C 119 54.17 13.64 1.54
N PRO C 120 55.03 12.86 2.21
CA PRO C 120 54.97 12.85 3.68
C PRO C 120 55.33 14.21 4.23
N SER C 121 54.65 14.64 5.30
CA SER C 121 54.98 15.91 5.92
C SER C 121 56.32 15.79 6.63
N SER C 122 56.94 16.93 6.92
CA SER C 122 58.21 16.95 7.63
C SER C 122 58.01 16.45 9.06
N GLU C 123 56.84 16.75 9.63
CA GLU C 123 56.51 16.28 10.97
C GLU C 123 56.60 14.76 11.08
N GLN C 124 56.00 14.06 10.14
CA GLN C 124 55.99 12.61 10.16
C GLN C 124 57.40 12.04 9.92
N LEU C 125 58.12 12.64 8.98
CA LEU C 125 59.49 12.24 8.69
C LEU C 125 60.39 12.39 9.92
N THR C 126 60.16 13.44 10.70
CA THR C 126 60.91 13.69 11.93
C THR C 126 60.83 12.50 12.88
N SER C 127 59.67 11.87 12.96
CA SER C 127 59.46 10.75 13.86
C SER C 127 59.67 9.41 13.16
N GLY C 128 60.25 9.45 11.97
CA GLY C 128 60.66 8.25 11.28
C GLY C 128 59.61 7.57 10.41
N GLY C 129 58.43 8.18 10.29
CA GLY C 129 57.37 7.65 9.46
C GLY C 129 57.23 8.38 8.14
N ALA C 130 56.83 7.66 7.09
CA ALA C 130 56.66 8.27 5.77
C ALA C 130 55.39 7.78 5.05
N SER C 131 54.30 8.53 5.20
CA SER C 131 53.04 8.19 4.53
C SER C 131 52.82 9.04 3.28
N VAL C 132 52.68 8.38 2.14
CA VAL C 132 52.32 9.07 0.91
C VAL C 132 50.82 8.89 0.65
N VAL C 133 50.10 10.00 0.51
CA VAL C 133 48.66 9.97 0.41
C VAL C 133 48.14 10.39 -0.97
N CYS C 134 47.15 9.66 -1.47
CA CYS C 134 46.52 10.01 -2.73
C CYS C 134 45.00 10.09 -2.61
N PHE C 135 44.45 11.23 -3.06
CA PHE C 135 43.01 11.42 -3.10
C PHE C 135 42.50 11.17 -4.51
N LEU C 136 41.41 10.41 -4.61
CA LEU C 136 40.69 10.26 -5.88
C LEU C 136 39.28 10.78 -5.63
N ASN C 137 39.05 12.05 -5.94
CA ASN C 137 37.86 12.74 -5.45
C ASN C 137 36.75 13.01 -6.46
N ASN C 138 35.52 12.80 -6.00
CA ASN C 138 34.33 13.25 -6.71
C ASN C 138 34.19 12.66 -8.11
N PHE C 139 34.01 11.35 -8.16
CA PHE C 139 33.87 10.66 -9.43
C PHE C 139 32.59 9.83 -9.47
N TYR C 140 32.20 9.46 -10.68
CA TYR C 140 31.05 8.58 -10.88
C TYR C 140 31.21 7.85 -12.21
N PRO C 141 30.89 6.55 -12.26
CA PRO C 141 30.35 5.68 -11.20
C PRO C 141 31.38 5.29 -10.14
N LYS C 142 30.97 4.48 -9.18
CA LYS C 142 31.77 4.23 -7.98
C LYS C 142 32.96 3.29 -8.19
N ASP C 143 32.91 2.47 -9.24
CA ASP C 143 34.00 1.54 -9.48
C ASP C 143 35.25 2.31 -9.90
N ILE C 144 36.38 1.99 -9.27
CA ILE C 144 37.63 2.67 -9.55
C ILE C 144 38.82 1.86 -9.07
N ASN C 145 39.97 2.07 -9.69
CA ASN C 145 41.20 1.37 -9.31
C ASN C 145 42.40 2.29 -9.10
N VAL C 146 43.19 1.99 -8.07
CA VAL C 146 44.40 2.73 -7.78
C VAL C 146 45.62 1.84 -7.94
N LYS C 147 46.65 2.40 -8.57
CA LYS C 147 47.93 1.73 -8.69
C LYS C 147 49.03 2.66 -8.21
N TRP C 148 49.91 2.14 -7.37
CA TRP C 148 51.05 2.91 -6.91
C TRP C 148 52.30 2.53 -7.70
N LYS C 149 53.14 3.51 -7.97
CA LYS C 149 54.43 3.24 -8.59
C LYS C 149 55.53 4.04 -7.92
N ILE C 150 56.64 3.34 -7.65
CA ILE C 150 57.82 3.95 -7.10
C ILE C 150 58.96 3.79 -8.09
N ASP C 151 59.48 4.91 -8.56
CA ASP C 151 60.46 4.92 -9.65
C ASP C 151 60.09 4.00 -10.82
N GLY C 152 58.79 3.96 -11.14
CA GLY C 152 58.33 3.24 -12.32
C GLY C 152 57.79 1.84 -12.11
N SER C 153 58.01 1.26 -10.94
CA SER C 153 57.57 -0.10 -10.68
C SER C 153 56.43 -0.15 -9.67
N GLU C 154 55.51 -1.08 -9.88
CA GLU C 154 54.28 -1.13 -9.10
C GLU C 154 54.51 -1.54 -7.64
N ARG C 155 54.03 -0.70 -6.73
CA ARG C 155 54.13 -1.01 -5.31
C ARG C 155 52.75 -1.33 -4.76
N GLN C 156 52.56 -2.59 -4.36
CA GLN C 156 51.28 -3.05 -3.85
C GLN C 156 51.21 -3.09 -2.32
N ASN C 157 52.28 -3.58 -1.69
CA ASN C 157 52.29 -3.74 -0.23
C ASN C 157 52.37 -2.43 0.53
N GLY C 158 51.73 -2.38 1.70
CA GLY C 158 51.74 -1.21 2.54
C GLY C 158 50.76 -0.13 2.12
N VAL C 159 49.80 -0.50 1.27
CA VAL C 159 48.76 0.44 0.83
C VAL C 159 47.48 0.21 1.62
N LEU C 160 46.87 1.29 2.10
CA LEU C 160 45.56 1.20 2.76
C LEU C 160 44.53 2.07 2.05
N ASN C 161 43.41 1.46 1.67
CA ASN C 161 42.37 2.19 0.96
C ASN C 161 41.10 2.40 1.76
N SER C 162 40.38 3.46 1.42
CA SER C 162 39.15 3.83 2.09
C SER C 162 38.21 4.54 1.11
N TRP C 163 36.96 4.12 1.09
CA TRP C 163 35.96 4.67 0.16
C TRP C 163 34.85 5.39 0.92
N THR C 164 34.43 6.54 0.40
CA THR C 164 33.27 7.23 0.95
C THR C 164 31.98 6.64 0.39
N ASP C 165 30.90 6.77 1.16
CA ASP C 165 29.56 6.55 0.64
C ASP C 165 29.27 7.65 -0.38
N GLN C 166 28.27 7.43 -1.23
CA GLN C 166 27.87 8.47 -2.19
C GLN C 166 27.58 9.81 -1.51
N ASP C 167 28.20 10.87 -2.02
CA ASP C 167 27.98 12.21 -1.52
C ASP C 167 26.56 12.72 -1.79
N SER C 168 25.93 13.22 -0.74
CA SER C 168 24.54 13.65 -0.76
C SER C 168 24.26 14.83 -1.71
N LYS C 169 25.26 15.67 -1.95
CA LYS C 169 25.03 16.89 -2.74
C LYS C 169 25.32 16.74 -4.25
N ASP C 170 26.49 16.24 -4.62
CA ASP C 170 26.83 16.10 -6.03
C ASP C 170 26.72 14.67 -6.57
N SER C 171 26.31 13.73 -5.72
CA SER C 171 26.13 12.33 -6.09
C SER C 171 27.43 11.62 -6.52
N THR C 172 28.57 12.16 -6.12
CA THR C 172 29.85 11.54 -6.49
C THR C 172 30.40 10.62 -5.42
N TYR C 173 31.47 9.91 -5.77
CA TYR C 173 32.21 9.08 -4.83
C TYR C 173 33.64 9.57 -4.73
N SER C 174 34.27 9.31 -3.58
CA SER C 174 35.68 9.66 -3.41
C SER C 174 36.42 8.50 -2.80
N MET C 175 37.73 8.48 -2.99
CA MET C 175 38.55 7.38 -2.49
C MET C 175 39.89 7.88 -1.98
N SER C 176 40.40 7.22 -0.94
CA SER C 176 41.69 7.55 -0.39
C SER C 176 42.62 6.36 -0.47
N SER C 177 43.86 6.63 -0.86
CA SER C 177 44.88 5.60 -0.98
C SER C 177 46.17 6.08 -0.32
N THR C 178 46.62 5.34 0.69
CA THR C 178 47.78 5.75 1.46
C THR C 178 48.84 4.67 1.41
N LEU C 179 50.04 5.05 1.00
CA LEU C 179 51.19 4.15 1.01
C LEU C 179 52.10 4.58 2.13
N THR C 180 52.25 3.73 3.14
CA THR C 180 53.05 4.07 4.30
C THR C 180 54.39 3.35 4.28
N LEU C 181 55.47 4.12 4.39
CA LEU C 181 56.79 3.55 4.56
C LEU C 181 57.51 4.19 5.73
N THR C 182 58.70 3.69 6.03
CA THR C 182 59.59 4.31 7.00
C THR C 182 60.28 5.46 6.30
N LYS C 183 60.78 6.43 7.08
CA LYS C 183 61.57 7.51 6.49
C LYS C 183 62.77 6.93 5.73
N ASP C 184 63.34 5.86 6.28
CA ASP C 184 64.49 5.19 5.67
C ASP C 184 64.14 4.57 4.32
N GLU C 185 62.97 3.96 4.24
CA GLU C 185 62.59 3.27 3.02
C GLU C 185 62.11 4.26 1.97
N TYR C 186 61.50 5.35 2.44
CA TYR C 186 61.01 6.39 1.56
C TYR C 186 62.15 7.12 0.85
N GLU C 187 63.23 7.38 1.59
CA GLU C 187 64.32 8.17 1.05
C GLU C 187 65.24 7.48 0.06
N ARG C 188 65.22 6.15 -0.01
CA ARG C 188 66.07 5.49 -1.01
C ARG C 188 65.35 5.35 -2.36
N HIS C 189 64.31 6.16 -2.56
CA HIS C 189 63.62 6.24 -3.85
C HIS C 189 63.31 7.70 -4.18
N ASN C 190 62.95 7.98 -5.43
CA ASN C 190 62.76 9.36 -5.87
C ASN C 190 61.35 9.70 -6.36
N SER C 191 60.82 8.90 -7.27
CA SER C 191 59.51 9.20 -7.86
C SER C 191 58.41 8.36 -7.23
N TYR C 192 57.35 9.02 -6.83
CA TYR C 192 56.18 8.36 -6.27
C TYR C 192 54.93 8.73 -7.07
N THR C 193 54.33 7.75 -7.71
CA THR C 193 53.20 7.97 -8.61
C THR C 193 51.90 7.29 -8.16
N CYS C 194 50.79 8.03 -8.26
CA CYS C 194 49.48 7.51 -7.95
C CYS C 194 48.64 7.46 -9.23
N GLU C 195 48.21 6.28 -9.62
CA GLU C 195 47.44 6.08 -10.86
C GLU C 195 45.99 5.66 -10.62
N ALA C 196 45.06 6.39 -11.23
CA ALA C 196 43.63 6.11 -11.11
C ALA C 196 43.03 5.54 -12.39
N THR C 197 42.43 4.34 -12.31
CA THR C 197 41.77 3.76 -13.47
C THR C 197 40.25 3.82 -13.36
N HIS C 198 39.62 4.54 -14.29
CA HIS C 198 38.19 4.81 -14.24
C HIS C 198 37.61 4.73 -15.66
N LYS C 199 36.33 4.35 -15.77
CA LYS C 199 35.72 4.13 -17.07
C LYS C 199 35.58 5.42 -17.87
N THR C 200 35.72 6.55 -17.20
CA THR C 200 35.70 7.86 -17.84
C THR C 200 36.89 8.05 -18.79
N SER C 201 37.93 7.25 -18.62
CA SER C 201 39.10 7.34 -19.49
C SER C 201 39.75 5.99 -19.80
N THR C 202 40.35 5.90 -20.98
CA THR C 202 41.03 4.69 -21.42
C THR C 202 42.46 4.66 -20.87
N SER C 203 42.98 5.84 -20.57
CA SER C 203 44.27 6.00 -19.94
C SER C 203 44.08 6.42 -18.49
N PRO C 204 44.89 5.88 -17.58
CA PRO C 204 44.71 6.22 -16.16
C PRO C 204 45.05 7.67 -15.86
N ILE C 205 44.34 8.28 -14.92
CA ILE C 205 44.71 9.61 -14.41
C ILE C 205 45.92 9.49 -13.50
N VAL C 206 46.97 10.24 -13.81
CA VAL C 206 48.24 10.10 -13.13
C VAL C 206 48.68 11.38 -12.43
N LYS C 207 49.10 11.24 -11.18
CA LYS C 207 49.61 12.37 -10.42
C LYS C 207 50.82 11.91 -9.60
N SER C 208 51.95 12.59 -9.78
CA SER C 208 53.17 12.18 -9.09
C SER C 208 54.00 13.37 -8.57
N PHE C 209 55.03 13.04 -7.81
CA PHE C 209 56.00 14.04 -7.34
C PHE C 209 57.37 13.39 -7.22
N ASN C 210 58.42 14.21 -7.18
CA ASN C 210 59.76 13.69 -6.97
C ASN C 210 60.26 14.04 -5.57
N ARG C 211 60.93 13.10 -4.93
CA ARG C 211 61.39 13.30 -3.56
C ARG C 211 62.48 14.37 -3.49
N ASN C 212 63.48 14.27 -4.37
CA ASN C 212 64.58 15.22 -4.35
C ASN C 212 64.18 16.57 -4.94
N GLU C 213 63.34 16.54 -5.96
CA GLU C 213 62.92 17.75 -6.65
C GLU C 213 61.85 18.50 -5.88
N CYS C 214 62.26 19.15 -4.79
CA CYS C 214 61.36 19.93 -3.95
C CYS C 214 62.16 20.81 -3.01
N VAL D 20 11.24 -25.36 9.56
CA VAL D 20 12.02 -26.31 8.77
C VAL D 20 11.37 -26.49 7.40
N GLU D 21 12.18 -26.88 6.41
CA GLU D 21 11.72 -27.21 5.05
C GLU D 21 11.20 -26.01 4.26
N CYS D 22 12.03 -25.55 3.32
CA CYS D 22 11.66 -24.47 2.41
C CYS D 22 10.61 -24.94 1.39
N ASP D 23 9.41 -24.36 1.47
CA ASP D 23 8.28 -24.77 0.65
C ASP D 23 8.35 -24.22 -0.78
N PHE D 24 8.20 -25.11 -1.76
CA PHE D 24 8.22 -24.72 -3.16
C PHE D 24 6.87 -24.91 -3.85
N SER D 25 5.88 -25.40 -3.09
CA SER D 25 4.52 -25.63 -3.60
C SER D 25 3.92 -24.50 -4.45
N PRO D 26 4.05 -23.21 -4.02
CA PRO D 26 3.50 -22.14 -4.86
C PRO D 26 4.04 -22.11 -6.30
N LEU D 27 5.22 -22.69 -6.52
CA LEU D 27 5.81 -22.75 -7.84
C LEU D 27 5.08 -23.76 -8.72
N LEU D 28 4.58 -24.82 -8.12
CA LEU D 28 4.01 -25.94 -8.86
C LEU D 28 2.54 -25.76 -9.23
N SER D 29 1.83 -24.89 -8.52
CA SER D 29 0.40 -24.74 -8.77
C SER D 29 0.08 -23.38 -9.37
N GLY D 30 -0.88 -23.36 -10.30
CA GLY D 30 -1.31 -22.13 -10.93
C GLY D 30 -0.44 -21.78 -12.13
N THR D 31 -0.72 -20.66 -12.76
CA THR D 31 0.07 -20.21 -13.89
C THR D 31 1.17 -19.28 -13.42
N PRO D 32 2.44 -19.68 -13.62
CA PRO D 32 3.55 -18.81 -13.23
C PRO D 32 3.55 -17.57 -14.12
N PRO D 33 3.96 -16.42 -13.58
CA PRO D 33 3.89 -15.14 -14.29
C PRO D 33 4.88 -15.05 -15.45
N GLN D 34 4.83 -13.93 -16.17
CA GLN D 34 5.79 -13.67 -17.23
C GLN D 34 7.07 -13.13 -16.60
N VAL D 35 8.09 -12.91 -17.43
CA VAL D 35 9.40 -12.50 -16.94
C VAL D 35 9.39 -11.16 -16.19
N TYR D 36 8.64 -10.18 -16.70
CA TYR D 36 8.67 -8.84 -16.13
C TYR D 36 7.97 -8.74 -14.78
N ASN D 37 7.07 -9.66 -14.48
CA ASN D 37 6.42 -9.66 -13.17
C ASN D 37 6.69 -10.98 -12.45
N PHE D 38 7.95 -11.39 -12.49
CA PHE D 38 8.41 -12.63 -11.87
C PHE D 38 7.96 -12.73 -10.42
N LYS D 39 7.56 -13.93 -10.01
CA LYS D 39 7.16 -14.20 -8.64
C LYS D 39 8.44 -14.40 -7.83
N ARG D 40 8.50 -13.85 -6.61
CA ARG D 40 9.70 -13.97 -5.78
C ARG D 40 9.45 -14.73 -4.48
N LEU D 41 10.10 -15.87 -4.32
CA LEU D 41 10.05 -16.60 -3.06
C LEU D 41 11.30 -16.30 -2.24
N VAL D 42 11.09 -15.94 -0.97
CA VAL D 42 12.21 -15.66 -0.07
C VAL D 42 12.13 -16.54 1.16
N PHE D 43 13.22 -17.24 1.46
CA PHE D 43 13.23 -18.20 2.55
C PHE D 43 14.24 -17.84 3.63
N THR D 44 13.77 -17.82 4.87
CA THR D 44 14.66 -17.82 6.02
C THR D 44 14.09 -18.87 6.95
N ASN D 45 14.94 -19.39 7.85
CA ASN D 45 14.52 -20.38 8.84
C ASN D 45 13.94 -21.67 8.26
N CYS D 46 14.66 -22.29 7.31
CA CYS D 46 14.22 -23.55 6.70
C CYS D 46 15.34 -24.29 5.95
N ASN D 47 15.13 -25.58 5.70
CA ASN D 47 16.10 -26.41 4.97
C ASN D 47 15.63 -26.76 3.55
N TYR D 48 16.55 -26.77 2.59
CA TYR D 48 16.19 -26.92 1.18
C TYR D 48 16.74 -28.19 0.53
N ASN D 49 16.18 -28.52 -0.63
CA ASN D 49 16.72 -29.58 -1.49
C ASN D 49 16.64 -29.15 -2.95
N LEU D 50 17.74 -28.58 -3.45
CA LEU D 50 17.80 -28.12 -4.84
C LEU D 50 17.58 -29.27 -5.82
N THR D 51 18.19 -30.41 -5.52
CA THR D 51 18.11 -31.58 -6.40
C THR D 51 16.71 -32.18 -6.43
N LYS D 52 15.88 -31.80 -5.47
CA LYS D 52 14.48 -32.24 -5.44
C LYS D 52 13.64 -31.53 -6.51
N LEU D 53 13.72 -30.21 -6.51
CA LEU D 53 12.92 -29.38 -7.42
C LEU D 53 13.28 -29.52 -8.91
N LEU D 54 14.56 -29.35 -9.23
CA LEU D 54 15.02 -29.31 -10.62
C LEU D 54 14.85 -30.64 -11.36
N SER D 55 14.74 -31.73 -10.61
CA SER D 55 14.58 -33.05 -11.22
C SER D 55 13.19 -33.21 -11.83
N LEU D 56 12.23 -32.49 -11.26
CA LEU D 56 10.86 -32.50 -11.76
C LEU D 56 10.74 -31.73 -13.08
N PHE D 57 11.83 -31.05 -13.45
CA PHE D 57 11.85 -30.27 -14.68
C PHE D 57 12.87 -30.82 -15.66
N SER D 58 12.78 -30.38 -16.91
CA SER D 58 13.75 -30.75 -17.93
C SER D 58 14.74 -29.62 -18.10
N VAL D 59 15.84 -29.68 -17.37
CA VAL D 59 16.79 -28.58 -17.33
C VAL D 59 17.62 -28.53 -18.60
N ASN D 60 17.57 -27.38 -19.26
CA ASN D 60 18.28 -27.18 -20.52
C ASN D 60 19.55 -26.35 -20.32
N ASP D 61 19.52 -25.49 -19.33
CA ASP D 61 20.67 -24.62 -19.04
C ASP D 61 20.76 -24.30 -17.55
N PHE D 62 22.00 -24.19 -17.07
CA PHE D 62 22.30 -23.92 -15.66
C PHE D 62 23.61 -23.14 -15.59
N THR D 63 23.51 -21.82 -15.71
CA THR D 63 24.69 -20.97 -15.73
C THR D 63 24.73 -20.04 -14.53
N CYS D 64 25.87 -20.02 -13.85
CA CYS D 64 26.03 -19.16 -12.68
C CYS D 64 27.19 -18.18 -12.88
N SER D 65 27.18 -17.12 -12.07
CA SER D 65 28.25 -16.13 -12.06
C SER D 65 28.77 -15.95 -10.63
N GLN D 66 30.09 -15.89 -10.50
CA GLN D 66 30.78 -15.77 -9.21
C GLN D 66 30.51 -16.97 -8.28
N ILE D 67 30.03 -18.06 -8.85
CA ILE D 67 29.81 -19.31 -8.13
C ILE D 67 29.53 -20.43 -9.14
N SER D 68 29.63 -21.68 -8.70
CA SER D 68 29.36 -22.81 -9.58
C SER D 68 28.03 -23.48 -9.22
N PRO D 69 27.36 -24.07 -10.22
CA PRO D 69 26.10 -24.81 -10.04
C PRO D 69 26.18 -25.90 -8.97
N ALA D 70 27.35 -26.51 -8.83
CA ALA D 70 27.55 -27.55 -7.81
C ALA D 70 27.65 -26.94 -6.43
N ALA D 71 28.24 -25.75 -6.34
CA ALA D 71 28.42 -25.08 -5.06
C ALA D 71 27.09 -24.59 -4.51
N ILE D 72 26.32 -23.90 -5.35
CA ILE D 72 25.03 -23.34 -4.94
C ILE D 72 24.04 -24.43 -4.52
N ALA D 73 24.27 -25.64 -5.00
CA ALA D 73 23.41 -26.78 -4.67
C ALA D 73 23.82 -27.46 -3.38
N SER D 74 24.92 -27.00 -2.79
CA SER D 74 25.48 -27.67 -1.63
C SER D 74 26.01 -26.69 -0.57
N ASN D 75 25.61 -25.42 -0.69
CA ASN D 75 26.08 -24.40 0.25
C ASN D 75 25.04 -23.98 1.27
N CYS D 76 25.51 -23.31 2.33
CA CYS D 76 24.61 -22.75 3.34
C CYS D 76 24.55 -21.22 3.23
N TYR D 77 23.36 -20.68 3.47
CA TYR D 77 23.14 -19.24 3.39
C TYR D 77 22.25 -18.72 4.51
N SER D 78 22.17 -17.41 4.62
CA SER D 78 21.23 -16.77 5.53
C SER D 78 19.89 -16.58 4.81
N SER D 79 19.95 -16.43 3.50
CA SER D 79 18.76 -16.25 2.68
C SER D 79 19.04 -16.57 1.21
N LEU D 80 18.04 -17.12 0.52
CA LEU D 80 18.12 -17.37 -0.92
C LEU D 80 16.85 -16.89 -1.62
N ILE D 81 17.02 -16.21 -2.75
CA ILE D 81 15.86 -15.69 -3.48
C ILE D 81 15.57 -16.56 -4.70
N LEU D 82 14.32 -17.02 -4.81
CA LEU D 82 13.91 -17.85 -5.93
C LEU D 82 12.81 -17.19 -6.75
N ASP D 83 13.17 -16.79 -7.96
CA ASP D 83 12.22 -16.21 -8.91
C ASP D 83 11.83 -17.25 -9.97
N TYR D 84 10.57 -17.25 -10.38
CA TYR D 84 10.15 -18.14 -11.47
C TYR D 84 9.13 -17.48 -12.38
N PHE D 85 9.20 -17.83 -13.67
CA PHE D 85 8.35 -17.21 -14.70
C PHE D 85 8.36 -18.01 -16.00
N SER D 86 7.55 -17.59 -16.95
CA SER D 86 7.60 -18.15 -18.30
C SER D 86 8.72 -17.52 -19.10
N TYR D 87 9.45 -18.33 -19.85
CA TYR D 87 10.54 -17.83 -20.68
C TYR D 87 10.90 -18.83 -21.78
N PRO D 88 10.78 -18.40 -23.05
CA PRO D 88 11.10 -19.24 -24.20
C PRO D 88 12.59 -19.45 -24.40
N LEU D 89 13.00 -20.70 -24.63
CA LEU D 89 14.39 -21.04 -24.91
C LEU D 89 14.88 -20.29 -26.14
N SER D 90 13.93 -19.99 -27.03
CA SER D 90 14.18 -19.29 -28.29
C SER D 90 14.97 -17.99 -28.12
N MET D 91 14.89 -17.41 -26.93
CA MET D 91 15.59 -16.17 -26.63
C MET D 91 16.76 -16.32 -25.65
N LYS D 92 17.35 -17.51 -25.58
CA LYS D 92 18.48 -17.81 -24.70
C LYS D 92 19.55 -16.72 -24.60
N SER D 93 19.86 -16.08 -25.72
CA SER D 93 20.83 -14.99 -25.79
C SER D 93 20.63 -13.90 -24.74
N ASP D 94 19.36 -13.58 -24.47
CA ASP D 94 19.00 -12.45 -23.62
C ASP D 94 19.08 -12.71 -22.12
N LEU D 95 19.76 -13.78 -21.71
CA LEU D 95 19.91 -14.08 -20.29
C LEU D 95 21.21 -13.52 -19.69
N SER D 96 22.12 -13.09 -20.55
CA SER D 96 23.37 -12.47 -20.11
C SER D 96 23.26 -10.95 -19.97
N VAL D 97 23.87 -10.41 -18.93
CA VAL D 97 23.98 -8.96 -18.79
C VAL D 97 24.95 -8.44 -19.86
N SER D 98 25.73 -9.37 -20.41
CA SER D 98 26.64 -9.09 -21.52
C SER D 98 25.91 -8.41 -22.67
N SER D 99 24.68 -8.85 -22.92
CA SER D 99 23.86 -8.27 -23.98
C SER D 99 23.13 -7.03 -23.47
N ALA D 100 22.89 -6.08 -24.37
CA ALA D 100 21.96 -5.01 -24.08
C ALA D 100 20.60 -5.66 -23.87
N GLY D 101 19.88 -5.87 -24.96
CA GLY D 101 18.66 -6.67 -24.94
C GLY D 101 17.51 -6.11 -24.12
N PRO D 102 16.28 -6.35 -24.58
CA PRO D 102 15.10 -5.92 -23.83
C PRO D 102 14.97 -6.62 -22.48
N ILE D 103 15.43 -7.85 -22.38
CA ILE D 103 15.27 -8.64 -21.16
C ILE D 103 16.15 -8.17 -20.01
N SER D 104 17.44 -8.01 -20.27
CA SER D 104 18.37 -7.61 -19.23
C SER D 104 18.21 -6.12 -18.90
N GLN D 105 17.86 -5.33 -19.90
CA GLN D 105 17.71 -3.89 -19.70
C GLN D 105 16.36 -3.48 -19.12
N PHE D 106 15.27 -4.01 -19.66
CA PHE D 106 13.94 -3.57 -19.26
C PHE D 106 13.13 -4.57 -18.44
N ASN D 107 13.52 -5.84 -18.47
CA ASN D 107 12.69 -6.87 -17.86
C ASN D 107 13.27 -7.52 -16.60
N TYR D 108 14.57 -7.77 -16.57
CA TYR D 108 15.13 -8.58 -15.50
C TYR D 108 16.66 -8.50 -15.40
N LYS D 109 17.16 -8.10 -14.23
CA LYS D 109 18.60 -8.10 -13.97
C LYS D 109 18.90 -8.53 -12.54
N GLN D 110 19.65 -9.62 -12.39
CA GLN D 110 20.01 -10.14 -11.08
C GLN D 110 21.10 -9.29 -10.43
N SER D 111 21.46 -9.65 -9.20
CA SER D 111 22.53 -8.97 -8.50
C SER D 111 23.86 -9.18 -9.22
N PHE D 112 24.53 -8.09 -9.53
CA PHE D 112 25.82 -8.14 -10.21
C PHE D 112 26.98 -8.18 -9.21
N SER D 113 26.66 -8.12 -7.93
CA SER D 113 27.67 -8.13 -6.88
C SER D 113 27.67 -9.47 -6.13
N ASN D 114 26.50 -10.08 -6.04
CA ASN D 114 26.36 -11.37 -5.35
C ASN D 114 26.31 -12.54 -6.32
N PRO D 115 26.58 -13.77 -5.82
CA PRO D 115 26.47 -14.94 -6.70
C PRO D 115 25.05 -15.13 -7.22
N THR D 116 24.92 -15.33 -8.52
CA THR D 116 23.62 -15.52 -9.15
C THR D 116 23.69 -16.67 -10.15
N CYS D 117 22.62 -17.44 -10.22
CA CYS D 117 22.53 -18.53 -11.18
C CYS D 117 21.28 -18.39 -12.05
N LEU D 118 21.35 -18.92 -13.27
CA LEU D 118 20.25 -18.79 -14.22
C LEU D 118 19.88 -20.12 -14.87
N ILE D 119 18.63 -20.53 -14.70
CA ILE D 119 18.18 -21.84 -15.15
C ILE D 119 17.05 -21.74 -16.16
N LEU D 120 17.30 -22.26 -17.36
CA LEU D 120 16.25 -22.34 -18.37
C LEU D 120 15.77 -23.78 -18.39
N ALA D 121 14.62 -24.03 -17.80
CA ALA D 121 14.08 -25.38 -17.72
C ALA D 121 12.71 -25.50 -18.36
N THR D 122 12.32 -26.73 -18.66
CA THR D 122 11.01 -27.00 -19.25
C THR D 122 10.19 -27.93 -18.38
N VAL D 123 8.94 -27.55 -18.12
CA VAL D 123 8.03 -28.44 -17.40
C VAL D 123 7.63 -29.57 -18.34
N PRO D 124 7.96 -30.81 -17.95
CA PRO D 124 7.78 -32.01 -18.77
C PRO D 124 6.33 -32.48 -18.83
N HIS D 125 6.09 -33.49 -19.66
CA HIS D 125 4.77 -34.11 -19.75
C HIS D 125 4.39 -34.70 -18.39
N ASN D 126 5.41 -35.17 -17.66
CA ASN D 126 5.23 -35.69 -16.31
C ASN D 126 4.54 -34.70 -15.36
N LEU D 127 4.97 -33.44 -15.43
CA LEU D 127 4.46 -32.37 -14.57
C LEU D 127 3.13 -31.76 -15.05
N THR D 128 2.07 -32.00 -14.30
CA THR D 128 0.72 -31.65 -14.75
C THR D 128 0.03 -30.50 -13.98
N THR D 129 0.57 -30.12 -12.84
CA THR D 129 -0.13 -29.20 -11.95
C THR D 129 0.12 -27.72 -12.25
N ILE D 130 1.07 -27.43 -13.12
CA ILE D 130 1.31 -26.07 -13.61
C ILE D 130 0.43 -25.76 -14.83
N THR D 131 -0.16 -24.58 -14.89
CA THR D 131 -0.93 -24.17 -16.06
C THR D 131 -0.16 -23.18 -16.94
N LYS D 132 -0.46 -23.19 -18.24
CA LYS D 132 0.22 -22.36 -19.21
C LYS D 132 -0.54 -21.09 -19.59
N PRO D 133 0.21 -20.01 -19.89
CA PRO D 133 -0.35 -18.76 -20.45
C PRO D 133 -0.70 -18.87 -21.93
N LEU D 134 -1.50 -17.93 -22.43
CA LEU D 134 -1.85 -17.90 -23.85
C LEU D 134 -0.63 -17.73 -24.74
N LYS D 135 0.37 -17.02 -24.24
CA LYS D 135 1.58 -16.75 -24.99
C LYS D 135 2.69 -16.23 -24.09
N TYR D 136 3.82 -15.89 -24.69
CA TYR D 136 4.93 -15.29 -23.96
C TYR D 136 4.92 -13.79 -24.17
N SER D 137 5.06 -13.04 -23.10
CA SER D 137 5.06 -11.59 -23.17
C SER D 137 6.31 -11.02 -22.51
N TYR D 138 6.92 -10.03 -23.15
CA TYR D 138 8.02 -9.30 -22.54
C TYR D 138 8.02 -7.84 -22.99
N ILE D 139 8.73 -7.03 -22.22
CA ILE D 139 8.81 -5.59 -22.47
C ILE D 139 9.97 -5.27 -23.41
N ASN D 140 9.66 -4.70 -24.57
CA ASN D 140 10.73 -4.29 -25.48
C ASN D 140 11.19 -2.88 -25.16
N LYS D 141 10.44 -2.19 -24.30
CA LYS D 141 10.69 -0.79 -24.02
C LYS D 141 9.98 -0.33 -22.77
N CYS D 142 10.74 0.18 -21.79
CA CYS D 142 10.15 0.84 -20.63
C CYS D 142 10.87 2.16 -20.44
N SER D 143 10.13 3.24 -20.62
CA SER D 143 10.73 4.57 -20.61
C SER D 143 9.82 5.63 -20.01
N ARG D 144 10.42 6.79 -19.73
CA ARG D 144 9.68 7.93 -19.21
C ARG D 144 9.67 9.10 -20.18
N LEU D 145 8.52 9.36 -20.77
CA LEU D 145 8.34 10.54 -21.60
C LEU D 145 8.20 11.74 -20.66
N LEU D 146 9.17 12.64 -20.68
CA LEU D 146 9.20 13.76 -19.74
C LEU D 146 8.12 14.79 -20.06
N SER D 147 7.92 15.73 -19.14
CA SER D 147 6.85 16.72 -19.21
C SER D 147 6.74 17.36 -20.59
N ASP D 148 7.85 17.93 -21.05
CA ASP D 148 7.96 18.35 -22.44
C ASP D 148 8.11 17.10 -23.30
N ASP D 149 7.05 16.70 -23.99
CA ASP D 149 7.00 15.42 -24.70
C ASP D 149 8.12 15.23 -25.73
N ARG D 150 9.30 15.74 -25.42
CA ARG D 150 10.47 15.61 -26.28
C ARG D 150 11.38 14.51 -25.76
N THR D 151 12.00 14.77 -24.62
CA THR D 151 13.01 13.88 -24.05
C THR D 151 12.41 12.55 -23.62
N GLU D 152 12.59 11.52 -24.44
CA GLU D 152 12.24 10.17 -24.04
C GLU D 152 13.40 9.57 -23.26
N VAL D 153 13.13 9.18 -22.01
CA VAL D 153 14.17 8.66 -21.13
C VAL D 153 13.91 7.22 -20.74
N PRO D 154 14.72 6.29 -21.29
CA PRO D 154 14.57 4.86 -21.02
C PRO D 154 14.75 4.54 -19.54
N GLN D 155 14.04 3.52 -19.07
CA GLN D 155 14.05 3.15 -17.67
C GLN D 155 14.57 1.74 -17.53
N LEU D 156 15.90 1.58 -17.53
CA LEU D 156 16.49 0.27 -17.39
C LEU D 156 16.11 -0.35 -16.06
N VAL D 157 15.68 -1.61 -16.10
CA VAL D 157 15.33 -2.30 -14.87
C VAL D 157 16.55 -2.36 -13.97
N ASN D 158 16.35 -2.03 -12.71
CA ASN D 158 17.43 -2.06 -11.73
C ASN D 158 17.57 -3.47 -11.19
N ALA D 159 18.73 -3.77 -10.61
CA ALA D 159 18.97 -5.12 -10.10
C ALA D 159 17.95 -5.48 -9.04
N ASN D 160 17.33 -6.65 -9.21
CA ASN D 160 16.35 -7.20 -8.26
C ASN D 160 15.08 -6.35 -8.14
N GLN D 161 14.91 -5.40 -9.05
CA GLN D 161 13.75 -4.52 -9.02
C GLN D 161 12.81 -4.93 -10.15
N TYR D 162 11.53 -4.61 -9.99
CA TYR D 162 10.62 -4.70 -11.12
C TYR D 162 10.76 -3.42 -11.93
N SER D 163 10.55 -3.53 -13.24
CA SER D 163 10.48 -2.34 -14.09
C SER D 163 9.41 -1.40 -13.56
N PRO D 164 9.59 -0.09 -13.76
CA PRO D 164 8.51 0.82 -13.38
C PRO D 164 7.29 0.60 -14.27
N CYS D 165 7.50 0.02 -15.44
CA CYS D 165 6.41 -0.27 -16.38
C CYS D 165 5.59 -1.51 -16.05
N VAL D 166 5.84 -2.14 -14.91
CA VAL D 166 5.03 -3.27 -14.50
C VAL D 166 3.59 -2.84 -14.23
N SER D 167 3.41 -1.56 -13.91
CA SER D 167 2.12 -1.02 -13.55
C SER D 167 1.22 -0.75 -14.75
N ILE D 168 1.82 -0.69 -15.94
CA ILE D 168 1.06 -0.38 -17.15
C ILE D 168 1.10 -1.51 -18.17
N VAL D 169 1.94 -2.53 -17.92
CA VAL D 169 1.96 -3.71 -18.77
C VAL D 169 1.06 -4.79 -18.19
N PRO D 170 0.10 -5.29 -18.99
CA PRO D 170 -0.80 -6.35 -18.54
C PRO D 170 -0.03 -7.62 -18.28
N SER D 171 -0.53 -8.47 -17.38
CA SER D 171 0.14 -9.72 -17.03
C SER D 171 0.51 -10.53 -18.27
N THR D 172 -0.32 -10.43 -19.30
CA THR D 172 0.02 -10.95 -20.61
C THR D 172 -0.27 -9.87 -21.65
N VAL D 173 0.67 -9.66 -22.58
CA VAL D 173 0.47 -8.65 -23.61
C VAL D 173 -0.60 -9.11 -24.59
N TRP D 174 -1.59 -8.26 -24.83
CA TRP D 174 -2.71 -8.59 -25.70
C TRP D 174 -2.27 -8.93 -27.12
N GLU D 175 -1.46 -8.05 -27.70
CA GLU D 175 -0.97 -8.23 -29.07
C GLU D 175 0.44 -7.64 -29.22
N ASP D 176 1.30 -8.36 -29.92
CA ASP D 176 2.67 -7.91 -30.19
C ASP D 176 2.74 -6.45 -30.66
N GLY D 177 3.61 -5.67 -30.01
CA GLY D 177 3.79 -4.29 -30.37
C GLY D 177 2.82 -3.36 -29.67
N ASP D 178 2.13 -3.87 -28.67
CA ASP D 178 1.20 -3.06 -27.88
C ASP D 178 1.91 -1.93 -27.18
N TYR D 179 1.38 -0.72 -27.33
CA TYR D 179 1.82 0.41 -26.52
C TYR D 179 0.88 0.60 -25.33
N TYR D 180 1.45 0.86 -24.16
CA TYR D 180 0.67 1.14 -22.98
C TYR D 180 1.14 2.44 -22.35
N ARG D 181 0.20 3.35 -22.09
CA ARG D 181 0.55 4.66 -21.56
C ARG D 181 -0.26 5.03 -20.33
N LYS D 182 0.40 5.69 -19.39
CA LYS D 182 -0.27 6.25 -18.24
C LYS D 182 0.34 7.60 -17.90
N GLN D 183 -0.51 8.59 -17.69
CA GLN D 183 -0.06 9.92 -17.33
C GLN D 183 0.42 9.95 -15.88
N LEU D 184 1.59 10.52 -15.65
CA LEU D 184 2.10 10.64 -14.30
C LEU D 184 1.71 11.99 -13.70
N SER D 185 1.51 12.01 -12.39
CA SER D 185 1.10 13.21 -11.68
C SER D 185 2.29 14.16 -11.54
N PRO D 186 2.01 15.45 -11.30
CA PRO D 186 3.10 16.40 -11.02
C PRO D 186 3.94 15.99 -9.81
N LEU D 187 3.31 15.39 -8.80
CA LEU D 187 4.00 14.89 -7.62
C LEU D 187 5.07 13.87 -8.01
N GLU D 188 4.69 12.93 -8.88
CA GLU D 188 5.62 11.95 -9.42
C GLU D 188 6.57 12.57 -10.44
N GLY D 189 6.43 13.87 -10.66
CA GLY D 189 7.30 14.59 -11.58
C GLY D 189 6.77 14.72 -12.98
N GLY D 190 5.45 14.56 -13.14
CA GLY D 190 4.80 14.78 -14.42
C GLY D 190 5.24 13.85 -15.53
N GLY D 191 4.71 14.09 -16.73
CA GLY D 191 5.07 13.31 -17.89
C GLY D 191 4.29 12.01 -18.01
N TRP D 192 4.86 11.05 -18.71
CA TRP D 192 4.19 9.78 -18.97
C TRP D 192 5.10 8.61 -18.68
N LEU D 193 4.49 7.49 -18.28
CA LEU D 193 5.20 6.23 -18.24
C LEU D 193 4.79 5.46 -19.48
N VAL D 194 5.77 4.98 -20.23
CA VAL D 194 5.48 4.41 -21.55
C VAL D 194 6.17 3.08 -21.77
N ALA D 195 5.39 2.09 -22.19
CA ALA D 195 5.92 0.76 -22.45
C ALA D 195 5.37 0.18 -23.74
N SER D 196 6.20 -0.57 -24.45
CA SER D 196 5.77 -1.32 -25.61
C SER D 196 6.09 -2.79 -25.39
N GLY D 197 5.20 -3.66 -25.83
CA GLY D 197 5.32 -5.07 -25.53
C GLY D 197 5.46 -5.96 -26.75
N SER D 198 6.13 -7.09 -26.57
CA SER D 198 6.34 -8.05 -27.65
C SER D 198 5.82 -9.42 -27.23
N THR D 199 5.32 -10.19 -28.20
CA THR D 199 4.81 -11.51 -27.89
C THR D 199 5.56 -12.60 -28.66
N VAL D 200 5.77 -13.73 -27.98
CA VAL D 200 6.38 -14.90 -28.59
C VAL D 200 5.42 -16.08 -28.48
N ALA D 201 5.31 -16.86 -29.56
CA ALA D 201 4.35 -17.95 -29.61
C ALA D 201 4.59 -18.99 -28.52
N MET D 202 3.52 -19.36 -27.84
CA MET D 202 3.58 -20.38 -26.78
C MET D 202 4.07 -21.71 -27.35
N THR D 203 4.90 -22.40 -26.58
CA THR D 203 5.45 -23.67 -27.03
C THR D 203 4.59 -24.86 -26.61
N GLU D 204 4.93 -26.01 -27.16
CA GLU D 204 4.19 -27.26 -26.98
C GLU D 204 4.07 -27.58 -25.50
N GLN D 205 5.21 -27.51 -24.81
CA GLN D 205 5.27 -27.57 -23.36
C GLN D 205 5.72 -26.21 -22.87
N LEU D 206 5.35 -25.84 -21.66
CA LEU D 206 5.72 -24.53 -21.15
C LEU D 206 7.21 -24.49 -20.86
N GLN D 207 7.86 -23.43 -21.31
CA GLN D 207 9.27 -23.22 -21.02
C GLN D 207 9.41 -22.13 -19.96
N MET D 208 10.10 -22.46 -18.87
CA MET D 208 10.19 -21.56 -17.74
C MET D 208 11.60 -21.03 -17.50
N GLY D 209 11.71 -20.17 -16.50
CA GLY D 209 13.00 -19.64 -16.08
C GLY D 209 13.05 -19.53 -14.56
N PHE D 210 14.21 -19.81 -13.99
CA PHE D 210 14.40 -19.71 -12.55
C PHE D 210 15.59 -18.83 -12.22
N GLY D 211 15.36 -17.84 -11.35
CA GLY D 211 16.41 -16.94 -10.93
C GLY D 211 16.81 -17.16 -9.49
N ILE D 212 18.09 -17.43 -9.27
CA ILE D 212 18.62 -17.59 -7.92
C ILE D 212 19.56 -16.44 -7.55
N THR D 213 19.38 -15.91 -6.36
CA THR D 213 20.30 -14.91 -5.82
C THR D 213 20.57 -15.27 -4.37
N VAL D 214 21.83 -15.27 -3.99
CA VAL D 214 22.19 -15.63 -2.62
C VAL D 214 23.01 -14.55 -1.94
N GLN D 215 22.80 -14.41 -0.64
CA GLN D 215 23.51 -13.45 0.16
C GLN D 215 23.95 -14.11 1.46
N TYR D 216 25.10 -13.68 1.99
CA TYR D 216 25.60 -14.20 3.24
C TYR D 216 25.51 -13.12 4.29
N GLY D 217 25.05 -13.47 5.49
CA GLY D 217 24.88 -12.48 6.52
C GLY D 217 25.19 -13.00 7.91
N THR D 218 25.36 -12.08 8.85
CA THR D 218 25.63 -12.45 10.24
C THR D 218 25.07 -13.82 10.59
N ASP D 219 23.79 -13.83 10.97
CA ASP D 219 23.07 -15.05 11.23
C ASP D 219 22.07 -15.10 10.12
N THR D 220 21.44 -16.25 9.90
CA THR D 220 21.62 -17.47 10.69
C THR D 220 22.28 -18.57 9.89
N ASN D 221 22.21 -19.79 10.42
CA ASN D 221 22.48 -21.00 9.65
C ASN D 221 21.15 -21.51 9.13
N SER D 222 20.25 -20.57 8.89
CA SER D 222 18.85 -20.86 8.62
C SER D 222 18.63 -21.70 7.36
N VAL D 223 19.12 -21.22 6.22
CA VAL D 223 18.87 -21.91 4.96
C VAL D 223 20.04 -22.79 4.52
N CYS D 224 19.88 -24.09 4.76
CA CYS D 224 20.90 -25.09 4.43
C CYS D 224 20.25 -26.35 3.87
N PRO D 225 21.02 -27.18 3.12
CA PRO D 225 20.46 -28.41 2.56
C PRO D 225 20.03 -29.42 3.62
N LYS D 226 19.02 -30.21 3.30
CA LYS D 226 18.48 -31.20 4.23
C LYS D 226 19.38 -32.42 4.39
N LEU D 227 19.29 -33.04 5.57
CA LEU D 227 20.13 -34.18 5.88
C LEU D 227 19.28 -35.40 6.24
N ASP E 1 -10.24 15.09 -23.73
CA ASP E 1 -10.55 14.08 -22.75
C ASP E 1 -11.07 12.88 -23.47
N VAL E 2 -10.57 11.71 -23.10
CA VAL E 2 -11.16 10.43 -23.48
C VAL E 2 -12.67 10.37 -23.24
N LYS E 3 -13.40 9.99 -24.28
CA LYS E 3 -14.85 9.85 -24.22
C LYS E 3 -15.31 8.57 -24.90
N LEU E 4 -16.19 7.84 -24.22
CA LEU E 4 -16.78 6.62 -24.77
C LEU E 4 -18.30 6.74 -24.75
N VAL E 5 -18.93 6.54 -25.90
CA VAL E 5 -20.39 6.61 -25.98
C VAL E 5 -21.01 5.34 -26.56
N GLU E 6 -21.76 4.61 -25.75
CA GLU E 6 -22.43 3.41 -26.22
C GLU E 6 -23.76 3.75 -26.87
N SER E 7 -24.14 2.97 -27.89
CA SER E 7 -25.47 3.06 -28.46
C SER E 7 -25.92 1.69 -28.96
N GLY E 8 -27.22 1.54 -29.18
CA GLY E 8 -27.75 0.36 -29.83
C GLY E 8 -28.49 -0.61 -28.95
N GLY E 9 -28.53 -0.33 -27.64
CA GLY E 9 -29.23 -1.17 -26.70
C GLY E 9 -30.74 -1.15 -26.89
N GLY E 10 -31.42 -2.18 -26.39
CA GLY E 10 -32.86 -2.23 -26.49
C GLY E 10 -33.52 -3.47 -25.90
N LEU E 11 -34.81 -3.64 -26.15
CA LEU E 11 -35.52 -4.85 -25.75
C LEU E 11 -35.39 -5.90 -26.85
N VAL E 12 -35.00 -7.11 -26.47
CA VAL E 12 -34.80 -8.18 -27.44
C VAL E 12 -35.45 -9.49 -26.98
N LYS E 13 -35.99 -10.25 -27.92
CA LYS E 13 -36.55 -11.57 -27.64
C LYS E 13 -35.43 -12.58 -27.39
N PRO E 14 -35.67 -13.54 -26.48
CA PRO E 14 -34.73 -14.64 -26.25
C PRO E 14 -34.41 -15.39 -27.53
N GLY E 15 -33.13 -15.65 -27.79
CA GLY E 15 -32.70 -16.29 -29.02
C GLY E 15 -32.34 -15.30 -30.10
N GLY E 16 -32.72 -14.05 -29.91
CA GLY E 16 -32.50 -13.02 -30.91
C GLY E 16 -31.09 -12.45 -30.92
N SER E 17 -30.90 -11.41 -31.73
CA SER E 17 -29.60 -10.81 -31.93
C SER E 17 -29.66 -9.30 -31.78
N LEU E 18 -28.51 -8.69 -31.46
CA LEU E 18 -28.42 -7.24 -31.36
C LEU E 18 -26.96 -6.80 -31.37
N LYS E 19 -26.67 -5.78 -32.18
CA LYS E 19 -25.32 -5.24 -32.26
C LYS E 19 -25.21 -3.91 -31.53
N LEU E 20 -24.30 -3.84 -30.57
CA LEU E 20 -24.04 -2.59 -29.86
C LEU E 20 -22.88 -1.84 -30.48
N SER E 21 -22.87 -0.53 -30.31
CA SER E 21 -21.80 0.29 -30.84
C SER E 21 -21.25 1.19 -29.75
N CYS E 22 -19.99 1.60 -29.92
CA CYS E 22 -19.36 2.53 -28.99
C CYS E 22 -18.48 3.51 -29.76
N ALA E 23 -18.80 4.80 -29.65
CA ALA E 23 -18.01 5.82 -30.32
C ALA E 23 -16.91 6.33 -29.40
N ALA E 24 -15.67 6.21 -29.85
CA ALA E 24 -14.52 6.60 -29.06
C ALA E 24 -13.88 7.89 -29.56
N SER E 25 -13.55 8.78 -28.63
CA SER E 25 -12.86 10.02 -28.96
C SER E 25 -11.86 10.41 -27.88
N GLY E 26 -10.93 11.27 -28.21
CA GLY E 26 -10.02 11.85 -27.24
C GLY E 26 -8.72 11.09 -27.07
N PHE E 27 -8.55 10.04 -27.87
CA PHE E 27 -7.33 9.25 -27.84
C PHE E 27 -7.15 8.50 -29.15
N THR E 28 -5.93 8.03 -29.40
CA THR E 28 -5.68 7.23 -30.59
C THR E 28 -6.33 5.86 -30.40
N PHE E 29 -7.50 5.70 -31.01
CA PHE E 29 -8.31 4.49 -30.84
C PHE E 29 -7.54 3.23 -31.23
N SER E 30 -6.79 3.32 -32.33
CA SER E 30 -6.08 2.16 -32.86
C SER E 30 -4.93 1.73 -31.96
N SER E 31 -4.61 2.54 -30.95
CA SER E 31 -3.49 2.25 -30.06
C SER E 31 -3.87 1.44 -28.82
N TYR E 32 -5.14 1.44 -28.47
CA TYR E 32 -5.58 0.80 -27.22
C TYR E 32 -6.39 -0.47 -27.45
N THR E 33 -6.25 -1.40 -26.52
CA THR E 33 -7.11 -2.59 -26.51
C THR E 33 -8.42 -2.20 -25.84
N MET E 34 -9.54 -2.65 -26.40
CA MET E 34 -10.85 -2.21 -25.94
C MET E 34 -11.67 -3.37 -25.43
N SER E 35 -12.55 -3.11 -24.47
CA SER E 35 -13.32 -4.17 -23.85
C SER E 35 -14.76 -3.77 -23.59
N TRP E 36 -15.60 -4.78 -23.36
CA TRP E 36 -16.96 -4.57 -22.91
C TRP E 36 -17.13 -5.16 -21.52
N VAL E 37 -17.71 -4.38 -20.62
CA VAL E 37 -18.02 -4.86 -19.29
C VAL E 37 -19.48 -4.56 -19.02
N ARG E 38 -20.25 -5.57 -18.64
CA ARG E 38 -21.66 -5.37 -18.40
C ARG E 38 -21.97 -5.38 -16.92
N GLN E 39 -23.02 -4.66 -16.55
CA GLN E 39 -23.49 -4.68 -15.18
C GLN E 39 -24.92 -5.18 -15.20
N THR E 40 -25.12 -6.33 -14.55
CA THR E 40 -26.41 -6.97 -14.48
C THR E 40 -27.35 -6.11 -13.66
N PRO E 41 -28.67 -6.40 -13.71
CA PRO E 41 -29.56 -5.67 -12.79
C PRO E 41 -29.17 -5.89 -11.33
N GLU E 42 -28.44 -6.97 -11.06
CA GLU E 42 -27.92 -7.27 -9.73
C GLU E 42 -26.67 -6.47 -9.38
N LYS E 43 -26.34 -5.48 -10.20
CA LYS E 43 -25.15 -4.65 -10.03
C LYS E 43 -23.85 -5.46 -10.09
N ARG E 44 -23.93 -6.70 -10.56
CA ARG E 44 -22.73 -7.48 -10.73
C ARG E 44 -22.02 -7.12 -12.02
N LEU E 45 -20.73 -6.82 -11.91
CA LEU E 45 -19.96 -6.47 -13.08
C LEU E 45 -19.32 -7.73 -13.67
N GLU E 46 -19.45 -7.90 -14.97
CA GLU E 46 -18.86 -9.03 -15.66
C GLU E 46 -18.14 -8.58 -16.92
N TRP E 47 -16.87 -8.98 -17.02
CA TRP E 47 -16.13 -8.82 -18.25
C TRP E 47 -16.82 -9.62 -19.36
N VAL E 48 -16.94 -9.02 -20.54
CA VAL E 48 -17.73 -9.61 -21.62
C VAL E 48 -16.88 -10.00 -22.82
N ALA E 49 -15.96 -9.12 -23.19
CA ALA E 49 -15.08 -9.31 -24.33
C ALA E 49 -14.01 -8.23 -24.37
N THR E 50 -12.86 -8.57 -24.92
CA THR E 50 -11.88 -7.55 -25.29
C THR E 50 -11.27 -7.84 -26.65
N ILE E 51 -10.86 -6.79 -27.33
CA ILE E 51 -10.31 -6.91 -28.67
C ILE E 51 -9.00 -6.12 -28.72
N SER E 52 -8.00 -6.70 -29.40
CA SER E 52 -6.70 -6.05 -29.50
C SER E 52 -6.81 -4.76 -30.30
N SER E 53 -5.80 -3.91 -30.15
CA SER E 53 -5.64 -2.70 -30.94
C SER E 53 -5.81 -2.95 -32.45
N GLY E 54 -5.26 -4.06 -32.92
CA GLY E 54 -5.22 -4.33 -34.35
C GLY E 54 -6.51 -4.72 -35.08
N GLY E 55 -7.29 -5.66 -34.56
CA GLY E 55 -6.93 -6.53 -33.46
C GLY E 55 -6.68 -7.91 -33.99
N SER E 56 -5.46 -8.42 -33.81
CA SER E 56 -5.09 -9.68 -34.44
C SER E 56 -5.77 -10.85 -33.75
N TYR E 57 -6.22 -10.68 -32.51
CA TYR E 57 -7.33 -11.48 -32.02
C TYR E 57 -8.19 -10.82 -30.92
N THR E 58 -9.12 -11.63 -30.40
CA THR E 58 -10.18 -11.23 -29.48
C THR E 58 -10.35 -12.29 -28.40
N TYR E 59 -10.80 -11.89 -27.21
CA TYR E 59 -10.85 -12.80 -26.08
C TYR E 59 -12.20 -12.70 -25.36
N TYR E 60 -12.78 -13.86 -25.06
CA TYR E 60 -14.10 -13.93 -24.43
C TYR E 60 -14.10 -14.85 -23.22
N PRO E 61 -14.94 -14.54 -22.22
CA PRO E 61 -15.21 -15.58 -21.23
C PRO E 61 -16.07 -16.64 -21.91
N ASP E 62 -16.03 -17.88 -21.43
CA ASP E 62 -16.80 -18.96 -22.06
C ASP E 62 -18.29 -18.66 -22.04
N SER E 63 -18.73 -17.93 -21.02
CA SER E 63 -20.14 -17.64 -20.76
C SER E 63 -20.75 -16.75 -21.85
N VAL E 64 -19.94 -16.37 -22.82
CA VAL E 64 -20.38 -15.44 -23.85
C VAL E 64 -19.86 -15.82 -25.26
N LYS E 65 -18.83 -16.66 -25.30
CA LYS E 65 -18.12 -17.02 -26.54
C LYS E 65 -18.90 -17.92 -27.51
N GLY E 66 -18.79 -17.61 -28.79
CA GLY E 66 -19.49 -18.33 -29.84
C GLY E 66 -20.80 -17.67 -30.19
N ARG E 67 -21.23 -16.75 -29.33
CA ARG E 67 -22.46 -16.01 -29.54
C ARG E 67 -22.15 -14.53 -29.73
N PHE E 68 -21.15 -14.05 -29.00
CA PHE E 68 -20.80 -12.64 -29.07
C PHE E 68 -19.62 -12.46 -30.01
N THR E 69 -19.59 -11.32 -30.70
CA THR E 69 -18.49 -11.02 -31.60
C THR E 69 -18.09 -9.57 -31.42
N ILE E 70 -16.97 -9.36 -30.74
CA ILE E 70 -16.43 -8.02 -30.58
C ILE E 70 -15.64 -7.67 -31.83
N SER E 71 -15.80 -6.45 -32.32
CA SER E 71 -15.11 -6.03 -33.53
C SER E 71 -14.79 -4.55 -33.45
N ARG E 72 -14.00 -4.08 -34.42
CA ARG E 72 -13.39 -2.77 -34.33
C ARG E 72 -13.15 -2.16 -35.70
N ASP E 73 -13.52 -0.89 -35.87
CA ASP E 73 -13.22 -0.16 -37.10
C ASP E 73 -12.32 1.03 -36.76
N ASN E 74 -11.01 0.81 -36.82
CA ASN E 74 -10.03 1.81 -36.42
C ASN E 74 -10.10 3.09 -37.23
N ALA E 75 -10.64 3.00 -38.45
CA ALA E 75 -10.77 4.17 -39.30
C ALA E 75 -11.93 5.03 -38.85
N LYS E 76 -12.97 4.39 -38.33
CA LYS E 76 -14.17 5.13 -37.92
C LYS E 76 -14.32 5.19 -36.40
N ASN E 77 -13.26 4.83 -35.68
CA ASN E 77 -13.21 4.99 -34.21
C ASN E 77 -14.37 4.38 -33.44
N THR E 78 -14.91 3.26 -33.90
CA THR E 78 -15.99 2.62 -33.16
C THR E 78 -15.65 1.19 -32.74
N LEU E 79 -16.29 0.79 -31.65
CA LEU E 79 -16.19 -0.57 -31.14
C LEU E 79 -17.57 -1.20 -31.27
N TYR E 80 -17.62 -2.50 -31.50
CA TYR E 80 -18.89 -3.19 -31.68
C TYR E 80 -19.00 -4.38 -30.76
N LEU E 81 -20.24 -4.80 -30.51
CA LEU E 81 -20.49 -6.05 -29.81
C LEU E 81 -21.71 -6.72 -30.44
N GLN E 82 -21.44 -7.61 -31.40
CA GLN E 82 -22.50 -8.36 -32.05
C GLN E 82 -22.94 -9.50 -31.14
N MET E 83 -24.19 -9.47 -30.71
CA MET E 83 -24.72 -10.49 -29.84
C MET E 83 -25.73 -11.34 -30.59
N SER E 84 -25.73 -12.64 -30.32
CA SER E 84 -26.67 -13.56 -30.95
C SER E 84 -27.02 -14.68 -29.98
N SER E 85 -28.10 -15.39 -30.27
CA SER E 85 -28.59 -16.44 -29.37
C SER E 85 -28.74 -15.90 -27.95
N LEU E 86 -29.27 -14.69 -27.85
CA LEU E 86 -29.38 -13.98 -26.57
C LEU E 86 -30.18 -14.72 -25.50
N LYS E 87 -29.69 -14.63 -24.27
CA LYS E 87 -30.33 -15.23 -23.11
C LYS E 87 -30.79 -14.17 -22.13
N SER E 88 -31.63 -14.54 -21.18
CA SER E 88 -32.07 -13.63 -20.13
C SER E 88 -30.90 -13.31 -19.20
N GLU E 89 -29.90 -14.18 -19.15
CA GLU E 89 -28.70 -13.87 -18.37
C GLU E 89 -27.77 -12.94 -19.13
N ASP E 90 -28.23 -12.43 -20.27
CA ASP E 90 -27.49 -11.38 -20.96
C ASP E 90 -28.01 -9.97 -20.68
N THR E 91 -29.21 -9.84 -20.11
CA THR E 91 -29.74 -8.50 -19.84
C THR E 91 -28.92 -7.80 -18.76
N ALA E 92 -28.45 -6.61 -19.11
CA ALA E 92 -27.53 -5.85 -18.28
C ALA E 92 -27.30 -4.49 -18.89
N MET E 93 -26.75 -3.58 -18.11
CA MET E 93 -26.20 -2.36 -18.67
C MET E 93 -24.83 -2.72 -19.26
N TYR E 94 -24.61 -2.37 -20.51
CA TYR E 94 -23.36 -2.72 -21.18
C TYR E 94 -22.46 -1.51 -21.34
N TYR E 95 -21.24 -1.60 -20.80
CA TYR E 95 -20.29 -0.50 -20.83
C TYR E 95 -19.15 -0.69 -21.82
N CYS E 96 -18.92 0.32 -22.64
CA CYS E 96 -17.72 0.39 -23.45
C CYS E 96 -16.57 0.88 -22.57
N THR E 97 -15.46 0.13 -22.55
CA THR E 97 -14.31 0.52 -21.72
C THR E 97 -12.99 0.48 -22.47
N ARG E 98 -12.10 1.43 -22.17
CA ARG E 98 -10.73 1.39 -22.66
C ARG E 98 -9.90 0.53 -21.73
N ASP E 99 -9.03 -0.30 -22.29
CA ASP E 99 -8.40 -1.35 -21.51
C ASP E 99 -6.89 -1.40 -21.71
N GLY E 100 -6.25 -2.37 -21.07
CA GLY E 100 -4.80 -2.49 -21.05
C GLY E 100 -4.46 -3.33 -19.82
N ASN E 101 -4.01 -2.65 -18.77
CA ASN E 101 -3.80 -3.30 -17.48
C ASN E 101 -4.96 -3.01 -16.54
N ASP E 102 -5.97 -2.32 -17.07
CA ASP E 102 -7.13 -1.87 -16.31
C ASP E 102 -8.13 -1.16 -17.22
N TYR E 103 -9.37 -1.03 -16.75
CA TYR E 103 -10.40 -0.30 -17.48
C TYR E 103 -10.37 1.16 -17.06
N ASP E 104 -9.53 1.96 -17.68
CA ASP E 104 -9.26 3.29 -17.17
C ASP E 104 -10.31 4.32 -17.59
N TYR E 105 -11.11 4.01 -18.61
CA TYR E 105 -12.22 4.88 -18.97
C TYR E 105 -13.46 4.10 -19.36
N TRP E 106 -14.60 4.62 -18.91
CA TRP E 106 -15.89 3.95 -19.06
C TRP E 106 -16.87 4.86 -19.75
N GLY E 107 -17.72 4.28 -20.60
CA GLY E 107 -18.82 5.04 -21.17
C GLY E 107 -19.98 5.06 -20.19
N GLN E 108 -21.06 5.72 -20.56
CA GLN E 108 -22.22 5.80 -19.67
C GLN E 108 -23.03 4.52 -19.74
N GLY E 109 -22.77 3.71 -20.76
CA GLY E 109 -23.45 2.44 -20.91
C GLY E 109 -24.73 2.53 -21.73
N THR E 110 -25.15 1.39 -22.27
CA THR E 110 -26.44 1.28 -22.93
C THR E 110 -27.11 0.00 -22.46
N THR E 111 -28.42 0.04 -22.24
CA THR E 111 -29.12 -1.06 -21.59
C THR E 111 -29.60 -2.13 -22.55
N LEU E 112 -29.65 -3.37 -22.06
CA LEU E 112 -30.20 -4.46 -22.82
C LEU E 112 -31.18 -5.24 -21.97
N THR E 113 -32.41 -5.36 -22.44
CA THR E 113 -33.40 -6.19 -21.77
C THR E 113 -33.74 -7.35 -22.71
N VAL E 114 -33.50 -8.56 -22.26
CA VAL E 114 -33.83 -9.75 -23.03
C VAL E 114 -35.07 -10.38 -22.45
N SER E 115 -36.21 -10.10 -23.08
CA SER E 115 -37.49 -10.55 -22.55
C SER E 115 -38.45 -10.97 -23.65
N SER E 116 -39.41 -11.81 -23.31
CA SER E 116 -40.46 -12.21 -24.23
C SER E 116 -41.66 -11.28 -24.08
N ALA E 117 -41.59 -10.38 -23.10
CA ALA E 117 -42.68 -9.46 -22.81
C ALA E 117 -42.80 -8.36 -23.86
N LYS E 118 -43.97 -7.73 -23.89
CA LYS E 118 -44.30 -6.78 -24.95
C LYS E 118 -44.03 -5.34 -24.55
N THR E 119 -43.64 -4.52 -25.53
CA THR E 119 -43.44 -3.09 -25.32
C THR E 119 -44.78 -2.41 -25.04
N THR E 120 -44.82 -1.59 -24.00
CA THR E 120 -46.07 -0.97 -23.56
C THR E 120 -45.84 0.49 -23.20
N PRO E 121 -46.66 1.40 -23.74
CA PRO E 121 -46.47 2.82 -23.44
C PRO E 121 -46.79 3.16 -21.99
N PRO E 122 -46.14 4.20 -21.45
CA PRO E 122 -46.42 4.61 -20.07
C PRO E 122 -47.66 5.50 -19.97
N SER E 123 -48.39 5.35 -18.88
CA SER E 123 -49.44 6.30 -18.53
C SER E 123 -48.92 7.23 -17.44
N VAL E 124 -48.99 8.53 -17.68
CA VAL E 124 -48.43 9.49 -16.73
C VAL E 124 -49.52 10.29 -16.02
N TYR E 125 -49.66 10.04 -14.72
CA TYR E 125 -50.70 10.67 -13.93
C TYR E 125 -50.07 11.70 -12.98
N PRO E 126 -50.65 12.90 -12.94
CA PRO E 126 -50.11 13.97 -12.08
C PRO E 126 -50.35 13.68 -10.60
N LEU E 127 -49.36 13.98 -9.77
CA LEU E 127 -49.52 13.86 -8.33
C LEU E 127 -49.43 15.24 -7.67
N ALA E 128 -50.59 15.89 -7.54
CA ALA E 128 -50.68 17.16 -6.84
C ALA E 128 -51.20 16.89 -5.44
N PRO E 129 -50.77 17.71 -4.45
CA PRO E 129 -51.20 17.52 -3.07
C PRO E 129 -52.69 17.80 -2.87
N GLY E 130 -53.32 17.07 -1.96
CA GLY E 130 -54.72 17.30 -1.63
C GLY E 130 -54.96 18.69 -1.09
N SER E 131 -56.22 19.09 -1.01
CA SER E 131 -56.57 20.42 -0.55
C SER E 131 -56.83 20.45 0.95
N ASN E 136 -46.41 25.64 3.99
CA ASN E 136 -44.97 25.48 4.18
C ASN E 136 -44.19 26.14 3.05
N SER E 137 -42.95 26.54 3.34
CA SER E 137 -42.14 27.29 2.38
C SER E 137 -41.74 26.42 1.19
N MET E 138 -41.94 25.12 1.33
CA MET E 138 -41.70 24.18 0.24
C MET E 138 -42.98 23.40 -0.05
N VAL E 139 -43.13 22.95 -1.30
CA VAL E 139 -44.27 22.13 -1.66
C VAL E 139 -43.82 20.98 -2.57
N THR E 140 -44.29 19.77 -2.29
CA THR E 140 -43.86 18.61 -3.05
C THR E 140 -44.94 18.10 -3.99
N LEU E 141 -44.59 17.98 -5.27
CA LEU E 141 -45.48 17.45 -6.28
C LEU E 141 -44.96 16.10 -6.76
N GLY E 142 -45.55 15.58 -7.81
CA GLY E 142 -45.10 14.31 -8.36
C GLY E 142 -45.80 13.89 -9.63
N CYS E 143 -45.27 12.85 -10.26
CA CYS E 143 -45.92 12.20 -11.38
C CYS E 143 -45.89 10.69 -11.16
N LEU E 144 -46.95 10.01 -11.59
CA LEU E 144 -47.00 8.57 -11.48
C LEU E 144 -46.90 7.96 -12.87
N VAL E 145 -45.74 7.39 -13.17
CA VAL E 145 -45.50 6.76 -14.47
C VAL E 145 -45.83 5.28 -14.38
N LYS E 146 -47.02 4.92 -14.83
CA LYS E 146 -47.58 3.59 -14.60
C LYS E 146 -47.58 2.74 -15.87
N GLY E 147 -47.23 1.48 -15.72
CA GLY E 147 -47.44 0.48 -16.76
C GLY E 147 -46.65 0.63 -18.05
N TYR E 148 -45.34 0.84 -17.96
CA TYR E 148 -44.52 0.91 -19.17
C TYR E 148 -43.56 -0.27 -19.22
N PHE E 149 -43.05 -0.55 -20.42
CA PHE E 149 -42.08 -1.61 -20.63
C PHE E 149 -41.43 -1.43 -21.99
N PRO E 150 -40.10 -1.60 -22.06
CA PRO E 150 -39.21 -1.92 -20.95
C PRO E 150 -38.60 -0.69 -20.30
N GLU E 151 -37.56 -0.92 -19.49
CA GLU E 151 -36.70 0.15 -18.99
C GLU E 151 -35.73 0.57 -20.10
N PRO E 152 -35.24 1.83 -20.06
CA PRO E 152 -35.56 2.82 -19.03
C PRO E 152 -36.48 3.93 -19.54
N VAL E 153 -37.04 4.69 -18.62
CA VAL E 153 -37.69 5.96 -18.94
C VAL E 153 -36.84 7.11 -18.43
N THR E 154 -37.12 8.30 -18.94
CA THR E 154 -36.45 9.50 -18.45
C THR E 154 -37.51 10.48 -17.92
N VAL E 155 -37.29 10.99 -16.72
CA VAL E 155 -38.19 11.98 -16.15
C VAL E 155 -37.40 13.23 -15.75
N THR E 156 -37.84 14.37 -16.28
CA THR E 156 -37.24 15.66 -15.94
C THR E 156 -38.35 16.65 -15.59
N TRP E 157 -37.97 17.78 -15.01
CA TRP E 157 -38.95 18.80 -14.64
C TRP E 157 -38.63 20.15 -15.27
N ASN E 158 -39.61 20.69 -15.98
CA ASN E 158 -39.44 21.92 -16.75
C ASN E 158 -38.24 21.84 -17.68
N SER E 159 -38.12 20.71 -18.36
CA SER E 159 -37.05 20.46 -19.32
C SER E 159 -35.66 20.59 -18.71
N GLY E 160 -35.50 20.11 -17.48
CA GLY E 160 -34.21 20.13 -16.82
C GLY E 160 -34.03 21.25 -15.81
N SER E 161 -34.80 22.33 -15.99
CA SER E 161 -34.67 23.53 -15.17
C SER E 161 -34.75 23.24 -13.68
N LEU E 162 -35.74 22.45 -13.29
CA LEU E 162 -35.88 22.03 -11.91
C LEU E 162 -35.06 20.75 -11.67
N SER E 163 -33.94 20.87 -10.97
CA SER E 163 -33.07 19.73 -10.70
C SER E 163 -32.70 19.64 -9.23
N SER E 164 -32.78 20.76 -8.53
CA SER E 164 -32.36 20.86 -7.14
C SER E 164 -33.09 19.88 -6.22
N GLY E 165 -34.39 20.03 -6.11
CA GLY E 165 -35.18 19.23 -5.19
C GLY E 165 -35.82 18.02 -5.84
N VAL E 166 -35.11 17.42 -6.79
CA VAL E 166 -35.65 16.31 -7.55
C VAL E 166 -34.95 15.00 -7.21
N HIS E 167 -35.75 13.96 -6.97
CA HIS E 167 -35.26 12.59 -7.02
C HIS E 167 -36.33 11.69 -7.62
N THR E 168 -35.92 10.89 -8.59
CA THR E 168 -36.81 9.97 -9.27
C THR E 168 -36.66 8.59 -8.66
N PHE E 169 -37.77 8.02 -8.18
CA PHE E 169 -37.70 6.73 -7.52
C PHE E 169 -37.45 5.61 -8.54
N PRO E 170 -36.69 4.59 -8.13
CA PRO E 170 -36.44 3.41 -8.95
C PRO E 170 -37.73 2.74 -9.38
N ALA E 171 -37.78 2.25 -10.61
CA ALA E 171 -38.97 1.58 -11.11
C ALA E 171 -39.19 0.27 -10.38
N VAL E 172 -40.46 -0.08 -10.20
CA VAL E 172 -40.79 -1.36 -9.60
C VAL E 172 -41.45 -2.23 -10.66
N LEU E 173 -40.94 -3.44 -10.81
CA LEU E 173 -41.43 -4.32 -11.86
C LEU E 173 -42.44 -5.32 -11.29
N GLN E 174 -43.63 -5.34 -11.89
CA GLN E 174 -44.72 -6.22 -11.49
C GLN E 174 -45.60 -6.66 -12.67
N SER E 175 -45.66 -7.95 -12.91
CA SER E 175 -46.43 -8.48 -14.03
C SER E 175 -46.00 -7.89 -15.37
N ASP E 176 -44.69 -7.90 -15.62
CA ASP E 176 -44.10 -7.46 -16.88
C ASP E 176 -44.32 -5.98 -17.16
N LEU E 177 -44.68 -5.21 -16.13
CA LEU E 177 -44.82 -3.77 -16.28
C LEU E 177 -44.14 -2.99 -15.16
N TYR E 178 -43.47 -1.90 -15.55
CA TYR E 178 -42.76 -1.04 -14.61
C TYR E 178 -43.64 0.11 -14.13
N THR E 179 -43.39 0.58 -12.91
CA THR E 179 -44.03 1.77 -12.39
C THR E 179 -43.06 2.55 -11.51
N LEU E 180 -42.95 3.85 -11.74
CA LEU E 180 -42.14 4.69 -10.88
C LEU E 180 -42.80 6.05 -10.67
N SER E 181 -42.37 6.73 -9.62
CA SER E 181 -42.80 8.09 -9.38
C SER E 181 -41.59 8.99 -9.27
N SER E 182 -41.77 10.26 -9.61
CA SER E 182 -40.74 11.26 -9.36
C SER E 182 -41.26 12.32 -8.41
N SER E 183 -40.40 12.74 -7.50
CA SER E 183 -40.79 13.74 -6.51
C SER E 183 -40.00 15.01 -6.71
N VAL E 184 -40.70 16.12 -6.84
CA VAL E 184 -40.05 17.42 -6.96
C VAL E 184 -40.61 18.38 -5.94
N THR E 185 -39.70 19.06 -5.23
CA THR E 185 -40.13 20.01 -4.22
C THR E 185 -39.67 21.41 -4.61
N VAL E 186 -40.63 22.30 -4.81
CA VAL E 186 -40.37 23.68 -5.16
C VAL E 186 -40.92 24.56 -4.04
N PRO E 187 -40.44 25.81 -3.94
CA PRO E 187 -41.02 26.68 -2.92
C PRO E 187 -42.51 26.89 -3.15
N SER E 188 -43.25 27.21 -2.09
CA SER E 188 -44.68 27.43 -2.19
C SER E 188 -45.00 28.67 -3.01
N SER E 189 -44.07 29.62 -3.04
CA SER E 189 -44.28 30.85 -3.81
C SER E 189 -44.47 30.57 -5.32
N THR E 190 -43.55 29.83 -5.97
CA THR E 190 -43.79 29.63 -7.41
C THR E 190 -44.83 28.56 -7.74
N TRP E 191 -45.58 28.07 -6.78
CA TRP E 191 -46.63 27.14 -7.13
C TRP E 191 -47.92 27.43 -6.40
N PRO E 192 -48.96 27.74 -7.16
CA PRO E 192 -48.96 27.50 -8.60
C PRO E 192 -48.64 28.76 -9.42
N SER E 193 -47.93 29.71 -8.83
CA SER E 193 -47.54 30.94 -9.52
C SER E 193 -46.76 30.68 -10.81
N GLU E 194 -45.89 29.68 -10.79
CA GLU E 194 -45.08 29.34 -11.96
C GLU E 194 -45.27 27.88 -12.39
N THR E 195 -45.38 27.68 -13.70
CA THR E 195 -45.68 26.36 -14.27
C THR E 195 -44.61 25.31 -13.95
N VAL E 196 -45.03 24.24 -13.29
CA VAL E 196 -44.16 23.09 -13.01
C VAL E 196 -44.66 21.88 -13.79
N THR E 197 -43.78 21.27 -14.57
CA THR E 197 -44.18 20.22 -15.50
C THR E 197 -43.20 19.05 -15.52
N CYS E 198 -43.73 17.83 -15.47
CA CYS E 198 -42.89 16.65 -15.55
C CYS E 198 -42.84 16.12 -16.98
N ASN E 199 -41.64 15.73 -17.40
CA ASN E 199 -41.42 15.27 -18.77
C ASN E 199 -40.98 13.82 -18.81
N VAL E 200 -41.85 12.95 -19.34
CA VAL E 200 -41.54 11.52 -19.38
C VAL E 200 -41.22 11.06 -20.80
N ALA E 201 -39.98 10.60 -20.98
CA ALA E 201 -39.54 10.06 -22.26
C ALA E 201 -39.39 8.54 -22.20
N HIS E 202 -39.98 7.85 -23.17
CA HIS E 202 -39.83 6.40 -23.24
C HIS E 202 -39.41 5.99 -24.65
N PRO E 203 -38.08 5.98 -24.91
CA PRO E 203 -37.49 5.77 -26.23
C PRO E 203 -37.91 4.45 -26.88
N ALA E 204 -38.10 3.42 -26.07
CA ALA E 204 -38.44 2.10 -26.58
C ALA E 204 -39.78 2.10 -27.30
N SER E 205 -40.73 2.88 -26.79
CA SER E 205 -42.04 2.99 -27.42
C SER E 205 -42.15 4.31 -28.18
N SER E 206 -41.04 5.05 -28.20
CA SER E 206 -40.98 6.38 -28.79
C SER E 206 -42.12 7.26 -28.29
N THR E 207 -42.46 7.09 -27.01
CA THR E 207 -43.53 7.86 -26.40
C THR E 207 -42.95 8.88 -25.44
N LYS E 208 -43.26 10.15 -25.68
CA LYS E 208 -42.90 11.22 -24.77
C LYS E 208 -44.12 12.08 -24.48
N VAL E 209 -44.55 12.08 -23.23
CA VAL E 209 -45.69 12.89 -22.84
C VAL E 209 -45.30 13.87 -21.74
N ASP E 210 -45.86 15.07 -21.82
CA ASP E 210 -45.65 16.08 -20.80
C ASP E 210 -46.88 16.16 -19.92
N LYS E 211 -46.67 16.29 -18.61
CA LYS E 211 -47.79 16.46 -17.70
C LYS E 211 -47.56 17.65 -16.78
N LYS E 212 -48.31 18.70 -17.05
CA LYS E 212 -48.32 19.90 -16.24
C LYS E 212 -48.93 19.58 -14.90
N ILE E 213 -48.27 19.96 -13.82
CA ILE E 213 -48.87 19.74 -12.51
C ILE E 213 -49.84 20.85 -12.20
N VAL E 214 -51.12 20.52 -12.32
CA VAL E 214 -52.18 21.48 -12.04
C VAL E 214 -52.76 21.17 -10.67
N PRO E 215 -52.92 22.20 -9.82
CA PRO E 215 -53.49 22.04 -8.48
C PRO E 215 -54.84 21.33 -8.53
N ARG E 216 -55.06 20.45 -7.56
CA ARG E 216 -56.24 19.59 -7.56
C ARG E 216 -57.51 20.42 -7.57
N ASP E 217 -58.13 20.54 -8.75
CA ASP E 217 -59.38 21.30 -8.88
C ASP E 217 -60.48 20.60 -8.07
N CYS E 218 -60.38 20.74 -6.75
CA CYS E 218 -61.27 20.06 -5.82
C CYS E 218 -62.52 20.85 -5.45
N GLY E 219 -63.60 20.65 -6.19
CA GLY E 219 -64.88 21.28 -5.89
C GLY E 219 -65.90 20.28 -5.39
N ASP F 1 -11.05 -20.14 -13.19
CA ASP F 1 -11.34 -18.73 -12.99
C ASP F 1 -10.89 -18.26 -11.60
N ILE F 2 -10.44 -17.01 -11.52
CA ILE F 2 -10.09 -16.41 -10.24
C ILE F 2 -11.28 -15.68 -9.64
N GLN F 3 -11.72 -16.09 -8.46
CA GLN F 3 -12.83 -15.44 -7.78
C GLN F 3 -12.37 -14.22 -7.00
N MET F 4 -13.18 -13.17 -7.00
CA MET F 4 -12.85 -11.95 -6.27
C MET F 4 -13.87 -11.65 -5.17
N THR F 5 -13.41 -11.68 -3.93
CA THR F 5 -14.27 -11.49 -2.77
C THR F 5 -13.99 -10.18 -2.04
N GLN F 6 -15.04 -9.41 -1.78
CA GLN F 6 -14.94 -8.24 -0.93
C GLN F 6 -15.52 -8.60 0.42
N THR F 7 -14.76 -8.37 1.49
CA THR F 7 -15.05 -8.90 2.82
C THR F 7 -16.44 -8.50 3.30
N THR F 8 -16.85 -7.32 2.87
CA THR F 8 -18.14 -6.71 3.19
C THR F 8 -18.91 -6.25 1.94
N SER F 9 -20.24 -6.27 1.99
CA SER F 9 -21.01 -5.72 0.89
C SER F 9 -21.36 -4.24 1.12
N SER F 10 -21.32 -3.80 2.39
CA SER F 10 -21.64 -2.40 2.73
C SER F 10 -20.86 -1.90 3.97
N LEU F 11 -20.64 -0.58 4.00
CA LEU F 11 -19.80 0.11 5.01
C LEU F 11 -20.33 1.51 5.19
N SER F 12 -20.26 2.04 6.41
CA SER F 12 -20.68 3.41 6.64
C SER F 12 -19.73 4.16 7.59
N ALA F 13 -19.57 5.45 7.33
CA ALA F 13 -18.61 6.27 8.08
C ALA F 13 -18.98 7.76 8.04
N SER F 14 -18.27 8.55 8.82
CA SER F 14 -18.54 9.98 8.96
C SER F 14 -17.66 10.78 8.01
N LEU F 15 -18.08 12.01 7.67
CA LEU F 15 -17.19 12.91 6.94
C LEU F 15 -15.86 13.05 7.69
N GLY F 16 -14.77 13.06 6.94
CA GLY F 16 -13.46 13.20 7.54
C GLY F 16 -12.85 11.88 8.00
N ASP F 17 -13.68 10.85 8.13
CA ASP F 17 -13.20 9.54 8.56
C ASP F 17 -12.19 8.97 7.58
N ARG F 18 -11.44 7.97 8.05
CA ARG F 18 -10.55 7.23 7.18
C ARG F 18 -11.25 5.90 6.93
N VAL F 19 -11.50 5.58 5.67
CA VAL F 19 -12.27 4.39 5.33
C VAL F 19 -11.43 3.39 4.54
N THR F 20 -11.55 2.11 4.90
CA THR F 20 -10.83 1.06 4.19
C THR F 20 -11.75 -0.03 3.64
N ILE F 21 -11.51 -0.41 2.39
CA ILE F 21 -12.30 -1.45 1.74
C ILE F 21 -11.39 -2.61 1.35
N SER F 22 -11.74 -3.82 1.77
CA SER F 22 -10.82 -4.96 1.61
C SER F 22 -11.26 -5.93 0.52
N CYS F 23 -10.28 -6.58 -0.11
CA CYS F 23 -10.54 -7.43 -1.27
C CYS F 23 -9.66 -8.68 -1.25
N ARG F 24 -10.29 -9.85 -1.35
CA ARG F 24 -9.55 -11.12 -1.36
C ARG F 24 -9.65 -11.84 -2.71
N ALA F 25 -8.51 -12.32 -3.21
CA ALA F 25 -8.47 -13.10 -4.45
C ALA F 25 -8.22 -14.59 -4.16
N SER F 26 -8.76 -15.45 -5.02
CA SER F 26 -8.70 -16.89 -4.78
C SER F 26 -7.35 -17.52 -5.12
N GLN F 27 -6.48 -16.75 -5.78
CA GLN F 27 -5.10 -17.19 -6.02
C GLN F 27 -4.22 -16.00 -6.39
N ASP F 28 -2.91 -16.23 -6.47
CA ASP F 28 -1.94 -15.14 -6.63
C ASP F 28 -2.12 -14.38 -7.94
N ILE F 29 -2.45 -13.09 -7.83
CA ILE F 29 -2.64 -12.25 -9.02
C ILE F 29 -1.56 -11.18 -9.17
N SER F 30 -0.49 -11.30 -8.39
CA SER F 30 0.69 -10.46 -8.51
C SER F 30 0.39 -8.96 -8.61
N ASN F 31 -0.33 -8.43 -7.62
CA ASN F 31 -0.64 -7.00 -7.53
C ASN F 31 -1.49 -6.42 -8.67
N TYR F 32 -1.86 -7.24 -9.64
CA TYR F 32 -2.75 -6.79 -10.69
C TYR F 32 -4.17 -6.60 -10.15
N LEU F 33 -4.38 -5.52 -9.40
CA LEU F 33 -5.69 -5.25 -8.83
C LEU F 33 -6.10 -3.78 -8.99
N ASN F 34 -7.30 -3.57 -9.51
CA ASN F 34 -7.79 -2.23 -9.80
C ASN F 34 -9.03 -1.87 -8.99
N TRP F 35 -9.20 -0.59 -8.67
CA TRP F 35 -10.37 -0.13 -7.92
C TRP F 35 -11.22 0.85 -8.72
N TYR F 36 -12.53 0.63 -8.71
CA TYR F 36 -13.45 1.47 -9.46
C TYR F 36 -14.51 2.11 -8.56
N GLN F 37 -14.87 3.35 -8.87
CA GLN F 37 -15.92 4.05 -8.18
C GLN F 37 -17.15 4.17 -9.07
N GLN F 38 -18.29 3.67 -8.59
CA GLN F 38 -19.54 3.89 -9.29
C GLN F 38 -20.45 4.78 -8.43
N LYS F 39 -20.77 5.95 -8.96
CA LYS F 39 -21.59 6.91 -8.24
C LYS F 39 -23.07 6.55 -8.40
N PRO F 40 -23.94 7.17 -7.58
CA PRO F 40 -25.37 6.81 -7.65
C PRO F 40 -26.01 6.98 -9.01
N ASP F 41 -25.51 7.88 -9.86
CA ASP F 41 -26.08 8.04 -11.19
C ASP F 41 -25.63 6.93 -12.16
N GLY F 42 -24.75 6.05 -11.69
CA GLY F 42 -24.32 4.92 -12.50
C GLY F 42 -22.97 5.06 -13.17
N THR F 43 -22.38 6.24 -13.12
CA THR F 43 -21.11 6.48 -13.80
C THR F 43 -19.94 5.83 -13.08
N VAL F 44 -19.09 5.16 -13.85
CA VAL F 44 -17.95 4.42 -13.32
C VAL F 44 -16.65 5.09 -13.74
N LYS F 45 -15.72 5.21 -12.81
CA LYS F 45 -14.41 5.75 -13.12
C LYS F 45 -13.35 4.97 -12.36
N LEU F 46 -12.16 4.87 -12.94
CA LEU F 46 -11.07 4.14 -12.30
C LEU F 46 -10.44 5.01 -11.22
N LEU F 47 -10.08 4.39 -10.10
CA LEU F 47 -9.52 5.11 -8.97
C LEU F 47 -8.06 4.77 -8.77
N ILE F 48 -7.79 3.46 -8.74
CA ILE F 48 -6.46 2.94 -8.44
C ILE F 48 -6.18 1.81 -9.41
N TYR F 49 -5.00 1.80 -10.02
CA TYR F 49 -4.63 0.68 -10.86
C TYR F 49 -3.34 0.06 -10.35
N TYR F 50 -3.22 -1.25 -10.51
CA TYR F 50 -2.08 -2.02 -10.03
C TYR F 50 -1.84 -1.78 -8.54
N THR F 51 -2.87 -2.07 -7.75
CA THR F 51 -2.83 -2.05 -6.28
C THR F 51 -2.80 -0.66 -5.67
N SER F 52 -1.89 0.20 -6.13
CA SER F 52 -1.60 1.42 -5.38
C SER F 52 -1.43 2.70 -6.19
N ARG F 53 -1.47 2.59 -7.52
CA ARG F 53 -1.20 3.78 -8.33
C ARG F 53 -2.45 4.62 -8.60
N LEU F 54 -2.33 5.91 -8.31
CA LEU F 54 -3.42 6.87 -8.44
C LEU F 54 -3.73 7.20 -9.90
N HIS F 55 -4.97 6.96 -10.30
CA HIS F 55 -5.41 7.32 -11.64
C HIS F 55 -5.42 8.84 -11.84
N SER F 56 -5.09 9.27 -13.04
CA SER F 56 -5.11 10.69 -13.39
C SER F 56 -6.48 11.31 -13.13
N GLY F 57 -6.51 12.39 -12.37
CA GLY F 57 -7.76 13.08 -12.09
C GLY F 57 -8.42 12.68 -10.78
N VAL F 58 -7.86 11.66 -10.12
CA VAL F 58 -8.42 11.19 -8.86
C VAL F 58 -7.65 11.81 -7.70
N PRO F 59 -8.36 12.41 -6.73
CA PRO F 59 -7.70 13.20 -5.70
C PRO F 59 -6.82 12.35 -4.77
N SER F 60 -5.85 12.99 -4.13
CA SER F 60 -4.86 12.31 -3.32
C SER F 60 -5.42 11.58 -2.10
N ARG F 61 -6.62 11.93 -1.68
CA ARG F 61 -7.24 11.29 -0.52
C ARG F 61 -7.46 9.79 -0.75
N PHE F 62 -7.57 9.38 -2.02
CA PHE F 62 -7.70 7.97 -2.35
C PHE F 62 -6.34 7.30 -2.39
N SER F 63 -6.24 6.11 -1.83
CA SER F 63 -5.03 5.32 -1.89
C SER F 63 -5.32 3.83 -1.84
N GLY F 64 -4.36 3.02 -2.30
CA GLY F 64 -4.51 1.58 -2.32
C GLY F 64 -3.31 0.89 -1.67
N SER F 65 -3.48 -0.38 -1.34
CA SER F 65 -2.41 -1.15 -0.71
C SER F 65 -2.67 -2.66 -0.80
N GLY F 66 -1.67 -3.46 -0.44
CA GLY F 66 -1.81 -4.90 -0.44
C GLY F 66 -0.85 -5.64 -1.36
N SER F 67 -0.83 -6.96 -1.21
CA SER F 67 0.01 -7.82 -2.03
C SER F 67 -0.51 -9.25 -2.01
N GLY F 68 -0.01 -10.07 -2.93
CA GLY F 68 -0.39 -11.47 -3.00
C GLY F 68 -1.86 -11.64 -3.37
N THR F 69 -2.68 -12.02 -2.40
CA THR F 69 -4.12 -12.19 -2.64
C THR F 69 -4.97 -11.21 -1.83
N ASP F 70 -4.34 -10.51 -0.89
CA ASP F 70 -5.08 -9.60 0.00
C ASP F 70 -4.77 -8.14 -0.32
N TYR F 71 -5.79 -7.41 -0.76
CA TYR F 71 -5.60 -6.02 -1.16
C TYR F 71 -6.61 -5.06 -0.52
N SER F 72 -6.25 -3.77 -0.48
CA SER F 72 -7.06 -2.76 0.20
C SER F 72 -7.15 -1.44 -0.56
N LEU F 73 -8.29 -0.77 -0.39
CA LEU F 73 -8.48 0.61 -0.84
C LEU F 73 -8.76 1.48 0.36
N THR F 74 -8.17 2.67 0.41
CA THR F 74 -8.36 3.56 1.55
C THR F 74 -8.78 4.96 1.13
N ILE F 75 -9.80 5.50 1.80
CA ILE F 75 -10.20 6.89 1.56
C ILE F 75 -9.99 7.69 2.83
N SER F 76 -8.96 8.54 2.84
CA SER F 76 -8.75 9.42 3.97
C SER F 76 -9.55 10.70 3.76
N ASN F 77 -9.85 11.39 4.87
CA ASN F 77 -10.63 12.63 4.85
C ASN F 77 -11.89 12.55 3.99
N LEU F 78 -12.84 11.71 4.42
CA LEU F 78 -14.07 11.45 3.66
C LEU F 78 -14.81 12.73 3.28
N GLU F 79 -15.26 12.76 2.03
CA GLU F 79 -15.90 13.94 1.47
C GLU F 79 -17.28 13.52 0.96
N GLN F 80 -18.20 14.48 0.90
CA GLN F 80 -19.58 14.22 0.45
C GLN F 80 -19.70 13.39 -0.83
N GLU F 81 -18.98 13.81 -1.86
CA GLU F 81 -19.06 13.14 -3.17
C GLU F 81 -18.51 11.72 -3.18
N ASP F 82 -17.99 11.25 -2.05
CA ASP F 82 -17.43 9.90 -2.00
C ASP F 82 -18.53 8.84 -1.85
N ILE F 83 -19.78 9.29 -1.74
CA ILE F 83 -20.91 8.37 -1.75
C ILE F 83 -20.97 7.64 -3.10
N ALA F 84 -20.82 6.32 -3.06
CA ALA F 84 -20.64 5.51 -4.26
C ALA F 84 -20.48 4.04 -3.88
N THR F 85 -20.45 3.17 -4.88
CA THR F 85 -20.08 1.78 -4.64
C THR F 85 -18.71 1.49 -5.24
N TYR F 86 -17.86 0.80 -4.48
CA TYR F 86 -16.47 0.58 -4.88
C TYR F 86 -16.17 -0.89 -5.19
N PHE F 87 -15.56 -1.12 -6.35
CA PHE F 87 -15.33 -2.47 -6.87
C PHE F 87 -13.84 -2.76 -7.03
N CYS F 88 -13.41 -3.98 -6.70
CA CYS F 88 -12.06 -4.42 -7.07
C CYS F 88 -12.08 -5.34 -8.29
N GLN F 89 -10.96 -5.44 -8.99
CA GLN F 89 -10.88 -6.23 -10.21
C GLN F 89 -9.47 -6.73 -10.49
N GLN F 90 -9.33 -8.02 -10.77
CA GLN F 90 -8.02 -8.62 -10.99
C GLN F 90 -7.68 -8.73 -12.47
N GLY F 91 -6.42 -8.50 -12.81
CA GLY F 91 -5.99 -8.53 -14.19
C GLY F 91 -4.85 -9.50 -14.45
N ASN F 92 -4.78 -10.57 -13.66
CA ASN F 92 -3.75 -11.58 -13.83
C ASN F 92 -4.03 -12.57 -14.95
N THR F 93 -5.21 -13.19 -14.90
CA THR F 93 -5.57 -14.22 -15.87
C THR F 93 -7.00 -14.04 -16.39
N LEU F 94 -7.21 -14.42 -17.64
CA LEU F 94 -8.55 -14.53 -18.18
C LEU F 94 -9.28 -15.68 -17.47
N PRO F 95 -10.57 -15.50 -17.17
CA PRO F 95 -11.35 -14.29 -17.48
C PRO F 95 -11.15 -13.18 -16.43
N ARG F 96 -11.06 -11.94 -16.88
CA ARG F 96 -11.05 -10.79 -15.98
C ARG F 96 -12.30 -10.87 -15.11
N THR F 97 -12.14 -10.63 -13.81
CA THR F 97 -13.28 -10.77 -12.91
C THR F 97 -13.32 -9.69 -11.83
N PHE F 98 -14.53 -9.32 -11.43
CA PHE F 98 -14.77 -8.24 -10.49
C PHE F 98 -15.14 -8.77 -9.12
N GLY F 99 -14.81 -8.01 -8.08
CA GLY F 99 -15.38 -8.23 -6.76
C GLY F 99 -16.86 -7.88 -6.80
N GLY F 100 -17.61 -8.36 -5.82
CA GLY F 100 -19.05 -8.15 -5.79
C GLY F 100 -19.47 -6.74 -5.39
N GLY F 101 -18.53 -5.94 -4.93
CA GLY F 101 -18.80 -4.54 -4.64
C GLY F 101 -19.07 -4.20 -3.19
N THR F 102 -18.67 -2.98 -2.81
CA THR F 102 -18.87 -2.46 -1.47
C THR F 102 -19.47 -1.07 -1.52
N LYS F 103 -20.66 -0.91 -0.96
CA LYS F 103 -21.34 0.38 -0.95
C LYS F 103 -20.89 1.25 0.20
N LEU F 104 -20.63 2.53 -0.06
CA LEU F 104 -20.17 3.45 0.97
C LEU F 104 -21.28 4.42 1.36
N GLU F 105 -21.75 4.29 2.59
CA GLU F 105 -22.73 5.23 3.14
C GLU F 105 -22.03 6.27 3.99
N ILE F 106 -22.34 7.54 3.76
CA ILE F 106 -21.73 8.61 4.55
C ILE F 106 -22.72 9.11 5.59
N LYS F 107 -22.36 8.90 6.86
CA LYS F 107 -23.20 9.25 7.99
C LYS F 107 -23.60 10.72 8.01
N ARG F 108 -24.78 10.99 8.57
CA ARG F 108 -25.24 12.35 8.80
C ARG F 108 -26.13 12.39 10.05
N ALA F 109 -26.57 13.57 10.42
CA ALA F 109 -27.47 13.73 11.56
C ALA F 109 -28.81 13.07 11.30
N ASP F 110 -29.46 12.59 12.35
CA ASP F 110 -30.80 12.04 12.24
C ASP F 110 -31.74 13.07 11.63
N ALA F 111 -32.61 12.62 10.72
CA ALA F 111 -33.57 13.51 10.08
C ALA F 111 -34.92 12.82 9.91
N ALA F 112 -35.99 13.51 10.31
CA ALA F 112 -37.33 12.99 10.16
C ALA F 112 -37.78 13.09 8.70
N PRO F 113 -38.62 12.14 8.25
CA PRO F 113 -39.10 12.15 6.86
C PRO F 113 -40.13 13.24 6.58
N THR F 114 -40.06 13.82 5.39
CA THR F 114 -41.12 14.68 4.90
C THR F 114 -42.19 13.79 4.28
N VAL F 115 -43.42 13.92 4.74
CA VAL F 115 -44.48 13.01 4.32
C VAL F 115 -45.55 13.72 3.50
N SER F 116 -45.75 13.23 2.28
CA SER F 116 -46.80 13.74 1.41
C SER F 116 -47.70 12.61 0.94
N ILE F 117 -48.99 12.88 0.83
CA ILE F 117 -49.93 11.90 0.32
C ILE F 117 -50.73 12.45 -0.85
N PHE F 118 -50.85 11.65 -1.91
CA PHE F 118 -51.59 12.06 -3.09
C PHE F 118 -52.74 11.11 -3.41
N PRO F 119 -53.91 11.68 -3.74
CA PRO F 119 -55.08 10.91 -4.19
C PRO F 119 -54.88 10.42 -5.61
N PRO F 120 -55.74 9.52 -6.09
CA PRO F 120 -55.64 9.15 -7.50
C PRO F 120 -55.98 10.34 -8.39
N SER F 121 -55.25 10.52 -9.48
CA SER F 121 -55.54 11.58 -10.43
C SER F 121 -56.82 11.26 -11.18
N SER F 122 -57.41 12.27 -11.82
CA SER F 122 -58.63 12.06 -12.59
C SER F 122 -58.36 11.17 -13.80
N GLU F 123 -57.18 11.32 -14.40
CA GLU F 123 -56.77 10.49 -15.53
C GLU F 123 -56.80 9.00 -15.22
N GLN F 124 -56.24 8.62 -14.07
CA GLN F 124 -56.19 7.20 -13.69
C GLN F 124 -57.57 6.62 -13.36
N LEU F 125 -58.38 7.38 -12.63
CA LEU F 125 -59.74 6.94 -12.29
C LEU F 125 -60.61 6.71 -13.54
N THR F 126 -60.40 7.54 -14.56
CA THR F 126 -61.12 7.40 -15.82
C THR F 126 -60.93 5.99 -16.39
N SER F 127 -59.73 5.46 -16.26
CA SER F 127 -59.41 4.14 -16.80
C SER F 127 -59.59 3.02 -15.79
N GLY F 128 -60.25 3.33 -14.66
CA GLY F 128 -60.63 2.31 -13.71
C GLY F 128 -59.59 1.91 -12.69
N GLY F 129 -58.45 2.60 -12.69
CA GLY F 129 -57.39 2.30 -11.74
C GLY F 129 -57.37 3.28 -10.59
N ALA F 130 -56.98 2.81 -9.41
CA ALA F 130 -56.95 3.66 -8.23
C ALA F 130 -55.66 3.46 -7.41
N SER F 131 -54.65 4.27 -7.71
CA SER F 131 -53.40 4.23 -6.98
C SER F 131 -53.32 5.37 -5.97
N VAL F 132 -53.17 5.02 -4.69
CA VAL F 132 -52.93 6.02 -3.66
C VAL F 132 -51.44 6.07 -3.36
N VAL F 133 -50.85 7.26 -3.50
CA VAL F 133 -49.41 7.41 -3.38
C VAL F 133 -49.02 8.21 -2.14
N CYS F 134 -48.01 7.75 -1.43
CA CYS F 134 -47.48 8.45 -0.27
C CYS F 134 -45.96 8.60 -0.41
N PHE F 135 -45.46 9.83 -0.29
CA PHE F 135 -44.02 10.06 -0.33
C PHE F 135 -43.41 10.23 1.05
N LEU F 136 -42.30 9.55 1.29
CA LEU F 136 -41.52 9.73 2.51
C LEU F 136 -40.11 10.18 2.14
N ASN F 137 -39.89 11.50 2.14
CA ASN F 137 -38.71 12.08 1.52
C ASN F 137 -37.65 12.62 2.49
N ASN F 138 -36.39 12.34 2.16
CA ASN F 138 -35.23 12.99 2.79
C ASN F 138 -35.13 12.81 4.30
N PHE F 139 -34.89 11.56 4.71
CA PHE F 139 -34.74 11.22 6.13
C PHE F 139 -33.45 10.44 6.34
N TYR F 140 -33.01 10.34 7.60
CA TYR F 140 -31.85 9.53 7.95
C TYR F 140 -31.98 9.07 9.40
N PRO F 141 -31.65 7.80 9.67
CA PRO F 141 -31.08 6.77 8.79
C PRO F 141 -32.06 6.20 7.76
N LYS F 142 -31.59 5.23 6.98
CA LYS F 142 -32.32 4.75 5.81
C LYS F 142 -33.51 3.87 6.21
N ASP F 143 -33.44 3.31 7.41
CA ASP F 143 -34.51 2.44 7.88
C ASP F 143 -35.76 3.24 8.21
N ILE F 144 -36.90 2.75 7.74
CA ILE F 144 -38.17 3.41 8.00
C ILE F 144 -39.29 2.40 7.77
N ASN F 145 -40.42 2.64 8.42
CA ASN F 145 -41.54 1.72 8.30
C ASN F 145 -42.79 2.48 7.89
N VAL F 146 -43.53 1.90 6.94
CA VAL F 146 -44.76 2.51 6.47
C VAL F 146 -45.95 1.62 6.78
N LYS F 147 -47.01 2.22 7.30
CA LYS F 147 -48.24 1.48 7.53
C LYS F 147 -49.42 2.23 6.92
N TRP F 148 -50.23 1.51 6.15
CA TRP F 148 -51.41 2.07 5.53
C TRP F 148 -52.66 1.72 6.34
N LYS F 149 -53.62 2.62 6.36
CA LYS F 149 -54.91 2.35 6.97
C LYS F 149 -56.04 2.85 6.07
N ILE F 150 -57.06 2.02 5.90
CA ILE F 150 -58.22 2.37 5.08
C ILE F 150 -59.47 2.42 5.95
N ASP F 151 -60.08 3.60 6.04
CA ASP F 151 -61.17 3.84 6.97
C ASP F 151 -60.87 3.25 8.35
N GLY F 152 -59.61 3.34 8.76
CA GLY F 152 -59.20 2.91 10.08
C GLY F 152 -58.53 1.54 10.19
N SER F 153 -58.60 0.73 9.14
CA SER F 153 -58.05 -0.63 9.23
C SER F 153 -56.79 -0.83 8.38
N GLU F 154 -55.87 -1.64 8.91
CA GLU F 154 -54.56 -1.84 8.30
C GLU F 154 -54.59 -2.69 7.03
N ARG F 155 -54.03 -2.13 5.95
CA ARG F 155 -53.94 -2.81 4.66
C ARG F 155 -52.50 -3.16 4.31
N GLN F 156 -52.18 -4.45 4.24
CA GLN F 156 -50.81 -4.86 3.93
C GLN F 156 -50.64 -5.19 2.45
N ASN F 157 -51.62 -5.88 1.89
CA ASN F 157 -51.61 -6.29 0.48
C ASN F 157 -51.84 -5.14 -0.51
N GLY F 158 -51.27 -5.27 -1.70
CA GLY F 158 -51.47 -4.28 -2.75
C GLY F 158 -50.60 -3.05 -2.61
N VAL F 159 -49.57 -3.15 -1.78
CA VAL F 159 -48.64 -2.04 -1.57
C VAL F 159 -47.35 -2.26 -2.37
N LEU F 160 -46.89 -1.21 -3.04
CA LEU F 160 -45.60 -1.23 -3.71
C LEU F 160 -44.71 -0.12 -3.19
N ASN F 161 -43.52 -0.50 -2.71
CA ASN F 161 -42.57 0.45 -2.16
C ASN F 161 -41.31 0.59 -3.00
N SER F 162 -40.65 1.74 -2.89
CA SER F 162 -39.44 2.02 -3.65
C SER F 162 -38.52 2.96 -2.87
N TRP F 163 -37.24 2.59 -2.80
CA TRP F 163 -36.26 3.36 -2.03
C TRP F 163 -35.19 3.99 -2.92
N THR F 164 -34.80 5.21 -2.58
CA THR F 164 -33.69 5.86 -3.26
C THR F 164 -32.35 5.38 -2.70
N ASP F 165 -31.32 5.44 -3.54
CA ASP F 165 -29.96 5.32 -3.04
C ASP F 165 -29.69 6.56 -2.21
N GLN F 166 -28.66 6.53 -1.38
CA GLN F 166 -28.31 7.69 -0.58
C GLN F 166 -28.11 8.90 -1.48
N ASP F 167 -28.77 10.00 -1.12
CA ASP F 167 -28.66 11.22 -1.90
C ASP F 167 -27.23 11.74 -1.85
N SER F 168 -26.67 11.99 -3.03
CA SER F 168 -25.27 12.39 -3.16
C SER F 168 -25.00 13.74 -2.49
N LYS F 169 -26.03 14.58 -2.40
CA LYS F 169 -25.87 15.95 -1.92
C LYS F 169 -26.11 16.12 -0.43
N ASP F 170 -27.27 15.68 0.05
CA ASP F 170 -27.64 15.89 1.45
C ASP F 170 -27.46 14.64 2.30
N SER F 171 -26.99 13.57 1.68
CA SER F 171 -26.70 12.30 2.35
C SER F 171 -27.93 11.61 2.94
N THR F 172 -29.12 11.98 2.49
CA THR F 172 -30.35 11.39 3.02
C THR F 172 -30.88 10.25 2.14
N TYR F 173 -31.92 9.59 2.64
CA TYR F 173 -32.64 8.57 1.88
C TYR F 173 -34.10 8.99 1.72
N SER F 174 -34.75 8.53 0.66
CA SER F 174 -36.17 8.82 0.43
C SER F 174 -36.94 7.57 0.01
N MET F 175 -38.25 7.59 0.21
CA MET F 175 -39.07 6.41 -0.07
C MET F 175 -40.43 6.74 -0.68
N SER F 176 -40.91 5.83 -1.54
CA SER F 176 -42.22 5.97 -2.16
C SER F 176 -43.10 4.78 -1.78
N SER F 177 -44.36 5.05 -1.45
CA SER F 177 -45.30 3.99 -1.07
C SER F 177 -46.63 4.15 -1.78
N THR F 178 -47.01 3.14 -2.55
CA THR F 178 -48.23 3.21 -3.35
C THR F 178 -49.18 2.05 -3.04
N LEU F 179 -50.42 2.39 -2.72
CA LEU F 179 -51.46 1.38 -2.51
C LEU F 179 -52.42 1.38 -3.69
N THR F 180 -52.39 0.30 -4.47
CA THR F 180 -53.26 0.20 -5.63
C THR F 180 -54.42 -0.76 -5.38
N LEU F 181 -55.64 -0.26 -5.56
CA LEU F 181 -56.83 -1.08 -5.55
C LEU F 181 -57.66 -0.74 -6.78
N THR F 182 -58.80 -1.40 -6.95
CA THR F 182 -59.67 -1.10 -8.07
C THR F 182 -60.46 0.19 -7.83
N LYS F 183 -60.86 0.84 -8.92
CA LYS F 183 -61.72 2.02 -8.85
C LYS F 183 -63.00 1.72 -8.12
N ASP F 184 -63.53 0.51 -8.34
CA ASP F 184 -64.76 0.09 -7.69
C ASP F 184 -64.59 0.06 -6.19
N GLU F 185 -63.44 -0.43 -5.73
CA GLU F 185 -63.18 -0.57 -4.31
C GLU F 185 -62.70 0.73 -3.65
N TYR F 186 -61.99 1.56 -4.41
CA TYR F 186 -61.51 2.84 -3.91
C TYR F 186 -62.68 3.76 -3.57
N GLU F 187 -63.71 3.67 -4.39
CA GLU F 187 -64.90 4.51 -4.23
C GLU F 187 -65.74 4.02 -3.05
N ARG F 188 -65.46 2.80 -2.58
CA ARG F 188 -66.18 2.24 -1.45
C ARG F 188 -65.61 2.64 -0.10
N HIS F 189 -64.72 3.63 -0.08
CA HIS F 189 -64.18 4.14 1.17
C HIS F 189 -63.98 5.65 1.15
N ASN F 190 -63.72 6.22 2.32
CA ASN F 190 -63.63 7.67 2.44
C ASN F 190 -62.24 8.16 2.88
N SER F 191 -61.74 7.61 3.99
CA SER F 191 -60.46 8.03 4.54
C SER F 191 -59.32 7.04 4.28
N TYR F 192 -58.19 7.55 3.80
CA TYR F 192 -56.99 6.76 3.56
C TYR F 192 -55.81 7.34 4.34
N THR F 193 -55.25 6.56 5.26
CA THR F 193 -54.22 7.08 6.15
C THR F 193 -52.84 6.47 5.90
N CYS F 194 -51.84 7.34 5.86
CA CYS F 194 -50.45 6.94 5.66
C CYS F 194 -49.63 7.22 6.92
N GLU F 195 -49.07 6.18 7.53
CA GLU F 195 -48.30 6.34 8.75
C GLU F 195 -46.82 6.03 8.55
N ALA F 196 -45.97 6.99 8.88
CA ALA F 196 -44.53 6.80 8.76
C ALA F 196 -43.92 6.66 10.15
N THR F 197 -43.29 5.54 10.39
CA THR F 197 -42.63 5.29 11.67
C THR F 197 -41.12 5.36 11.51
N HIS F 198 -40.50 6.30 12.22
CA HIS F 198 -39.08 6.54 12.08
C HIS F 198 -38.49 6.76 13.46
N LYS F 199 -37.23 6.39 13.64
CA LYS F 199 -36.60 6.43 14.95
C LYS F 199 -36.44 7.85 15.49
N THR F 200 -36.63 8.84 14.63
CA THR F 200 -36.57 10.23 15.04
C THR F 200 -37.69 10.61 16.01
N SER F 201 -38.78 9.85 16.00
CA SER F 201 -39.89 10.10 16.90
C SER F 201 -40.58 8.81 17.33
N THR F 202 -41.17 8.81 18.53
CA THR F 202 -41.87 7.65 19.04
C THR F 202 -43.28 7.59 18.46
N SER F 203 -43.79 8.74 18.01
CA SER F 203 -45.12 8.79 17.40
C SER F 203 -44.94 8.86 15.88
N PRO F 204 -45.75 8.10 15.14
CA PRO F 204 -45.63 8.10 13.67
C PRO F 204 -46.13 9.39 13.04
N ILE F 205 -45.47 9.82 11.96
CA ILE F 205 -45.96 10.94 11.17
C ILE F 205 -47.16 10.48 10.35
N VAL F 206 -48.27 11.21 10.47
CA VAL F 206 -49.50 10.77 9.84
C VAL F 206 -49.97 11.77 8.78
N LYS F 207 -50.31 11.23 7.61
CA LYS F 207 -50.80 12.04 6.51
C LYS F 207 -51.96 11.31 5.85
N SER F 208 -53.12 11.94 5.79
CA SER F 208 -54.29 11.32 5.19
C SER F 208 -55.09 12.30 4.33
N PHE F 209 -56.05 11.76 3.59
CA PHE F 209 -56.96 12.59 2.81
C PHE F 209 -58.33 11.92 2.67
N ASN F 210 -59.35 12.74 2.39
CA ASN F 210 -60.69 12.22 2.15
C ASN F 210 -61.09 12.33 0.68
N ARG F 211 -61.74 11.28 0.19
CA ARG F 211 -62.17 11.21 -1.21
C ARG F 211 -63.31 12.18 -1.51
N ASN F 212 -64.32 12.20 -0.64
CA ASN F 212 -65.47 13.06 -0.84
C ASN F 212 -65.16 14.53 -0.54
N GLU F 213 -64.30 14.76 0.45
CA GLU F 213 -63.92 16.12 0.82
C GLU F 213 -62.89 16.64 -0.18
N CYS F 214 -63.37 16.97 -1.37
CA CYS F 214 -62.50 17.49 -2.42
C CYS F 214 -63.35 18.11 -3.51
#